data_4ZW7
#
_entry.id   4ZW7
#
_cell.length_a   75.190
_cell.length_b   109.090
_cell.length_c   118.300
_cell.angle_alpha   90.000
_cell.angle_beta   90.000
_cell.angle_gamma   90.000
#
_symmetry.space_group_name_H-M   'P 21 21 21'
#
loop_
_entity.id
_entity.type
_entity.pdbx_description
1 polymer 'M1 family aminopeptidase'
2 non-polymer 'ZINC ION'
3 non-polymer "tert-butyl [(1S)-2-(hydroxyamino)-2-oxo-1-(3',4',5'-trifluorobiphenyl-4-yl)ethyl]carbamate"
4 non-polymer 'MAGNESIUM ION'
5 non-polymer GLYCEROL
6 non-polymer 'DIMETHYL SULFOXIDE'
7 water water
#
_entity_poly.entity_id   1
_entity_poly.type   'polypeptide(L)'
_entity_poly.pdbx_seq_one_letter_code
;EPKIHYRKDYKPSGFIINQVTLNINIHDQETIVRSVLDMDISKHNVGEDLVFDGVGLKINEISINNKKLVEGEEYTYDNE
FLTIFSKFVPKSKFAFSSEVIIHPETNYALTGLYKSKNIIVSQCEATGFRRITFFIDRPDMMAKYDVTVTADKEKYPVLL
SNGDKVNEFEIPGGRHGARFNDPPLKPCYLFAVVAGDLKHLSATYITKYTKKKVELYVFSEEKYVSKLQWALECLKKSMA
FDEDYFGLEYDLSRLNLVAVSDFNVGAMENKGLNIFNANSLLASKKNSIDFSYARILTVVGHEYFHQYTGNRVTLRDWFQ
LTLKEGLTVHRENLFSEEMTKTVTTRLSHVDLLRSVQFLEDSSPLSHPIRPESYVSMENFYTTTVYDKGSEVMRMYLTIL
GEEYYKKGFDIYIKKNDGNTATCEDFNYAMEQAYKMKKADNSANLNQYLLWFSQSGTPHVSFKYNYDAEKKQYSIHVNQY
TKPDENQKEKKPLFIPISVGLINPENGKEMISQTTLELTKESDTFVFNNIAVKPIPSLFRGFSAPVYIEDQLTDEERILL
LKYDSDAFVRYNSCTNIYMKQILMNYNEFLKAKNEKLESFQLTPVNAQFIDAIKYLLEDPHADAGFKSYIVSLPQDRYII
NFVSNLDTDVLADTKEYIYKQIGDKLNDVYYKMFKSLEAKADDLTYFNDESHVDFDQMNMRTLRNTLLSLLSKAQYPNIL
NEIIEHSKSPYPSNWLTSLSVSAYFDKYFELYDKTYKLSKDDELLLQEWLKTVSRSDRKDIYEILKKLENEVLKDSKNPN
DIRAVYLPFTNNLRRFHDISGKGYKLIAEVITKTDKFNPMVATQLCEPFKLWNKLDTKRQELMLNEMNTMLQEPQISNNL
KEYLLRLTNK
;
_entity_poly.pdbx_strand_id   A
#
loop_
_chem_comp.id
_chem_comp.type
_chem_comp.name
_chem_comp.formula
4SZ non-polymer 'tert-butyl [(1S)-2-(hydroxyamino)-2-oxo-1-(3',4',5'-trifluorobiphenyl-4-yl)ethyl]carbamate' 'C19 H19 F3 N2 O4'
DMS non-polymer 'DIMETHYL SULFOXIDE' 'C2 H6 O S'
GOL non-polymer GLYCEROL 'C3 H8 O3'
MG non-polymer 'MAGNESIUM ION' 'Mg 2'
ZN non-polymer 'ZINC ION' 'Zn 2'
#
# COMPACT_ATOMS: atom_id res chain seq x y z
N LYS A 3 8.86 5.14 25.02
CA LYS A 3 7.56 5.05 25.70
C LYS A 3 6.57 4.19 24.91
N ILE A 4 5.83 3.34 25.60
CA ILE A 4 4.82 2.51 24.94
C ILE A 4 3.43 3.07 25.17
N HIS A 5 2.73 3.37 24.09
CA HIS A 5 1.36 3.86 24.21
C HIS A 5 0.41 2.66 24.09
N TYR A 6 -0.55 2.57 25.02
CA TYR A 6 -1.52 1.46 25.01
C TYR A 6 -2.92 1.97 24.66
N ARG A 7 -3.63 1.20 23.84
CA ARG A 7 -4.97 1.59 23.43
C ARG A 7 -5.93 1.75 24.61
N LYS A 8 -5.78 0.89 25.62
CA LYS A 8 -6.64 0.95 26.81
C LYS A 8 -6.48 2.24 27.59
N ASP A 9 -5.38 2.95 27.36
CA ASP A 9 -5.06 4.12 28.17
C ASP A 9 -5.61 5.42 27.59
N TYR A 10 -6.49 5.35 26.62
CA TYR A 10 -7.03 6.58 26.03
C TYR A 10 -7.75 7.43 27.06
N LYS A 11 -7.34 8.69 27.19
CA LYS A 11 -8.07 9.68 27.98
C LYS A 11 -8.04 11.04 27.28
N PRO A 12 -9.17 11.74 27.28
CA PRO A 12 -9.21 13.10 26.70
C PRO A 12 -8.25 14.05 27.41
N SER A 13 -7.78 15.05 26.67
CA SER A 13 -6.89 16.09 27.20
C SER A 13 -7.55 16.95 28.29
N GLY A 14 -6.74 17.51 29.18
CA GLY A 14 -7.21 18.50 30.14
C GLY A 14 -7.21 19.89 29.55
N PHE A 15 -6.89 19.98 28.27
CA PHE A 15 -6.84 21.26 27.58
C PHE A 15 -7.63 21.21 26.29
N ILE A 16 -7.99 22.39 25.80
CA ILE A 16 -8.64 22.54 24.52
C ILE A 16 -7.90 23.60 23.71
N ILE A 17 -7.70 23.33 22.42
CA ILE A 17 -7.16 24.32 21.50
C ILE A 17 -8.24 24.69 20.49
N ASN A 18 -8.73 25.92 20.57
CA ASN A 18 -9.85 26.32 19.75
C ASN A 18 -9.41 26.96 18.45
N GLN A 19 -8.32 27.71 18.48
CA GLN A 19 -7.86 28.42 17.31
C GLN A 19 -6.35 28.39 17.19
N VAL A 20 -5.87 28.18 15.98
CA VAL A 20 -4.45 28.26 15.68
C VAL A 20 -4.23 29.42 14.72
N THR A 21 -3.33 30.33 15.07
CA THR A 21 -2.98 31.40 14.15
C THR A 21 -1.51 31.31 13.78
N LEU A 22 -1.27 30.94 12.54
CA LEU A 22 0.10 30.75 12.10
C LEU A 22 0.61 31.86 11.16
N ASN A 23 1.92 32.02 11.28
CA ASN A 23 2.80 32.96 10.64
C ASN A 23 4.13 32.20 10.40
N ILE A 24 4.22 31.65 9.20
CA ILE A 24 5.34 30.86 8.73
C ILE A 24 6.20 31.69 7.78
N ASN A 25 7.37 32.09 8.27
CA ASN A 25 8.22 33.02 7.54
C ASN A 25 9.47 32.32 7.01
N ILE A 26 9.45 32.07 5.70
CA ILE A 26 10.50 31.27 5.07
C ILE A 26 11.68 32.10 4.59
N HIS A 27 12.87 31.72 5.04
CA HIS A 27 14.09 32.40 4.61
C HIS A 27 15.08 31.37 4.12
N ASP A 28 16.21 31.84 3.59
CA ASP A 28 17.19 30.93 2.98
C ASP A 28 17.80 29.96 4.00
N GLN A 29 18.20 30.47 5.15
CA GLN A 29 18.93 29.66 6.11
C GLN A 29 18.08 29.23 7.31
N GLU A 30 16.81 29.65 7.34
CA GLU A 30 15.93 29.33 8.47
C GLU A 30 14.48 29.68 8.13
N THR A 31 13.56 29.04 8.84
CA THR A 31 12.16 29.38 8.76
C THR A 31 11.67 29.73 10.15
N ILE A 32 11.09 30.92 10.28
CA ILE A 32 10.54 31.39 11.54
C ILE A 32 9.06 31.05 11.61
N VAL A 33 8.65 30.42 12.71
CA VAL A 33 7.24 30.09 12.89
C VAL A 33 6.71 30.75 14.12
N ARG A 34 5.81 31.70 13.93
CA ARG A 34 5.07 32.32 15.03
C ARG A 34 3.70 31.67 15.12
N SER A 35 3.28 31.36 16.33
CA SER A 35 2.03 30.66 16.55
C SER A 35 1.31 31.22 17.75
N VAL A 36 0.04 31.56 17.58
CA VAL A 36 -0.83 31.88 18.70
C VAL A 36 -1.90 30.81 18.81
N LEU A 37 -1.93 30.15 19.96
CA LEU A 37 -2.96 29.16 20.23
C LEU A 37 -4.00 29.73 21.18
N ASP A 38 -5.24 29.82 20.74
CA ASP A 38 -6.32 30.21 21.65
C ASP A 38 -6.85 28.98 22.35
N MET A 39 -6.66 28.95 23.65
CA MET A 39 -6.85 27.72 24.39
C MET A 39 -7.85 27.83 25.53
N ASP A 40 -8.27 26.68 26.03
CA ASP A 40 -9.16 26.65 27.17
C ASP A 40 -8.84 25.44 28.04
N ILE A 41 -9.43 25.43 29.22
CA ILE A 41 -9.31 24.33 30.16
C ILE A 41 -10.50 23.39 29.96
N SER A 42 -10.25 22.09 29.82
CA SER A 42 -11.32 21.12 29.58
C SER A 42 -11.89 20.59 30.89
N LYS A 43 -13.01 19.89 30.80
CA LYS A 43 -13.69 19.37 31.99
C LYS A 43 -12.91 18.23 32.64
N HIS A 44 -11.91 17.72 31.92
CA HIS A 44 -11.11 16.61 32.43
C HIS A 44 -9.88 17.09 33.17
N ASN A 45 -9.65 18.39 33.13
CA ASN A 45 -8.47 18.99 33.74
C ASN A 45 -8.43 18.83 35.26
N VAL A 46 -7.26 18.43 35.77
CA VAL A 46 -7.07 18.16 37.19
C VAL A 46 -5.89 18.98 37.73
N GLY A 47 -5.68 20.14 37.13
CA GLY A 47 -4.61 21.03 37.55
C GLY A 47 -3.22 20.64 37.09
N GLU A 48 -3.11 19.82 36.06
CA GLU A 48 -1.80 19.36 35.59
C GLU A 48 -1.01 20.47 34.88
N ASP A 49 0.29 20.23 34.69
CA ASP A 49 1.12 21.09 33.88
C ASP A 49 0.58 21.13 32.44
N LEU A 50 0.80 22.24 31.76
CA LEU A 50 0.51 22.34 30.32
C LEU A 50 1.70 21.79 29.55
N VAL A 51 1.55 20.62 28.95
CA VAL A 51 2.64 20.00 28.21
C VAL A 51 2.34 19.96 26.72
N PHE A 52 3.20 20.62 25.95
CA PHE A 52 3.12 20.60 24.50
C PHE A 52 4.16 19.67 23.91
N ASP A 53 3.79 19.05 22.80
CA ASP A 53 4.76 18.37 21.96
C ASP A 53 5.53 19.41 21.16
N GLY A 54 6.83 19.21 21.03
CA GLY A 54 7.65 20.12 20.26
C GLY A 54 9.00 19.50 20.04
N VAL A 55 9.25 19.03 18.82
CA VAL A 55 10.46 18.27 18.53
C VAL A 55 11.41 19.05 17.62
N GLY A 56 12.61 19.30 18.13
CA GLY A 56 13.67 19.92 17.36
C GLY A 56 13.43 21.40 17.12
N LEU A 57 12.64 22.02 17.99
CA LEU A 57 12.30 23.43 17.82
C LEU A 57 13.33 24.30 18.53
N LYS A 58 13.73 25.41 17.91
CA LYS A 58 14.62 26.39 18.53
C LYS A 58 13.75 27.52 19.05
N ILE A 59 13.73 27.74 20.36
CA ILE A 59 12.83 28.75 20.93
C ILE A 59 13.42 30.16 20.89
N ASN A 60 12.68 31.09 20.28
CA ASN A 60 13.02 32.50 20.37
C ASN A 60 12.31 33.08 21.57
N GLU A 61 11.02 32.76 21.70
CA GLU A 61 10.25 33.17 22.87
C GLU A 61 8.92 32.42 22.93
N ILE A 62 8.42 32.25 24.15
CA ILE A 62 7.05 31.82 24.35
C ILE A 62 6.37 32.72 25.37
N SER A 63 5.05 32.78 25.30
CA SER A 63 4.27 33.65 26.15
C SER A 63 2.90 33.05 26.46
N ILE A 64 2.30 33.51 27.54
CA ILE A 64 0.92 33.24 27.86
C ILE A 64 0.23 34.57 28.05
N ASN A 65 -0.84 34.82 27.27
CA ASN A 65 -1.54 36.10 27.33
C ASN A 65 -0.60 37.30 27.14
N ASN A 66 0.24 37.21 26.11
CA ASN A 66 1.18 38.28 25.74
C ASN A 66 2.17 38.63 26.85
N LYS A 67 2.33 37.73 27.81
CA LYS A 67 3.33 37.89 28.85
C LYS A 67 4.42 36.84 28.68
N LYS A 68 5.63 37.32 28.39
CA LYS A 68 6.79 36.47 28.13
C LYS A 68 7.08 35.49 29.28
N LEU A 69 7.18 34.21 28.95
CA LEU A 69 7.55 33.18 29.93
C LEU A 69 9.06 33.05 29.98
N VAL A 70 9.60 32.67 31.14
CA VAL A 70 11.05 32.54 31.26
C VAL A 70 11.47 31.11 31.58
N GLU A 71 12.49 30.63 30.86
CA GLU A 71 12.94 29.24 30.95
C GLU A 71 13.54 28.90 32.31
N GLY A 72 13.23 27.72 32.82
CA GLY A 72 13.71 27.28 34.11
C GLY A 72 12.74 27.58 35.23
N GLU A 73 12.27 28.82 35.27
CA GLU A 73 11.32 29.26 36.29
C GLU A 73 9.91 28.79 35.99
N GLU A 74 9.43 29.12 34.79
CA GLU A 74 8.04 28.89 34.42
C GLU A 74 7.88 27.79 33.36
N TYR A 75 8.95 27.42 32.66
CA TYR A 75 8.88 26.31 31.72
C TYR A 75 10.22 25.62 31.52
N THR A 76 10.15 24.34 31.14
CA THR A 76 11.31 23.60 30.69
C THR A 76 11.04 23.09 29.28
N TYR A 77 12.09 22.97 28.48
CA TYR A 77 11.99 22.36 27.16
C TYR A 77 13.20 21.43 26.95
N ASP A 78 12.91 20.19 26.58
CA ASP A 78 13.95 19.17 26.45
C ASP A 78 14.08 18.65 25.02
N ASN A 79 13.70 19.48 24.04
CA ASN A 79 13.72 19.15 22.61
C ASN A 79 12.68 18.10 22.21
N GLU A 80 11.78 17.75 23.13
CA GLU A 80 10.66 16.84 22.83
C GLU A 80 9.34 17.32 23.42
N PHE A 81 9.41 17.80 24.65
CA PHE A 81 8.24 18.30 25.39
C PHE A 81 8.51 19.67 25.98
N LEU A 82 7.59 20.60 25.75
CA LEU A 82 7.59 21.88 26.43
C LEU A 82 6.64 21.76 27.61
N THR A 83 7.17 21.92 28.82
CA THR A 83 6.37 21.84 30.03
C THR A 83 6.22 23.22 30.65
N ILE A 84 4.98 23.66 30.80
CA ILE A 84 4.69 24.91 31.50
C ILE A 84 4.04 24.55 32.82
N PHE A 85 4.71 24.88 33.92
CA PHE A 85 4.29 24.44 35.24
C PHE A 85 2.88 24.95 35.55
N SER A 86 2.07 24.10 36.16
CA SER A 86 0.64 24.39 36.30
C SER A 86 0.32 25.70 37.03
N LYS A 87 1.20 26.13 37.93
CA LYS A 87 0.94 27.35 38.69
C LYS A 87 0.91 28.57 37.77
N PHE A 88 1.48 28.41 36.58
CA PHE A 88 1.55 29.50 35.61
C PHE A 88 0.56 29.31 34.48
N VAL A 89 -0.25 28.26 34.58
CA VAL A 89 -1.28 28.00 33.58
C VAL A 89 -2.61 28.59 34.07
N PRO A 90 -3.22 29.50 33.26
CA PRO A 90 -4.49 30.13 33.59
C PRO A 90 -5.63 29.13 33.77
N LYS A 91 -6.68 29.52 34.48
CA LYS A 91 -7.77 28.61 34.84
C LYS A 91 -8.96 28.77 33.90
N SER A 92 -8.84 29.68 32.95
CA SER A 92 -9.88 29.89 31.95
CA SER A 92 -9.88 29.87 31.96
C SER A 92 -9.25 30.17 30.60
N LYS A 93 -10.08 30.56 29.63
CA LYS A 93 -9.62 30.84 28.27
C LYS A 93 -8.39 31.74 28.25
N PHE A 94 -7.33 31.23 27.63
CA PHE A 94 -6.07 31.97 27.54
C PHE A 94 -5.44 31.79 26.16
N ALA A 95 -4.38 32.57 25.91
CA ALA A 95 -3.67 32.49 24.66
C ALA A 95 -2.23 32.09 24.90
N PHE A 96 -1.78 31.01 24.26
CA PHE A 96 -0.38 30.64 24.31
C PHE A 96 0.24 31.06 22.98
N SER A 97 1.40 31.70 23.04
CA SER A 97 2.07 32.11 21.82
C SER A 97 3.56 31.71 21.86
N SER A 98 4.15 31.56 20.68
CA SER A 98 5.54 31.19 20.61
C SER A 98 6.15 31.54 19.27
N GLU A 99 7.46 31.72 19.28
CA GLU A 99 8.20 31.89 18.05
C GLU A 99 9.37 30.92 18.08
N VAL A 100 9.47 30.11 17.04
CA VAL A 100 10.51 29.11 16.93
C VAL A 100 11.17 29.16 15.57
N ILE A 101 12.38 28.63 15.49
CA ILE A 101 13.13 28.50 14.26
C ILE A 101 13.27 26.99 13.94
N ILE A 102 13.02 26.61 12.69
CA ILE A 102 13.20 25.24 12.23
C ILE A 102 13.96 25.38 10.92
N HIS A 103 14.51 24.30 10.36
CA HIS A 103 15.16 24.54 9.06
C HIS A 103 14.88 23.40 8.10
N PRO A 104 13.88 23.59 7.22
CA PRO A 104 13.40 22.65 6.22
C PRO A 104 14.55 22.27 5.28
N GLU A 105 15.50 23.17 5.09
CA GLU A 105 16.60 22.95 4.15
C GLU A 105 17.39 21.71 4.50
N THR A 106 17.57 21.48 5.80
CA THR A 106 18.38 20.35 6.26
C THR A 106 17.55 19.21 6.83
N ASN A 107 16.23 19.28 6.63
CA ASN A 107 15.32 18.25 7.12
C ASN A 107 15.18 17.10 6.10
N TYR A 108 16.10 16.14 6.18
CA TYR A 108 16.17 15.05 5.21
C TYR A 108 15.28 13.87 5.56
N ALA A 109 14.65 13.93 6.74
CA ALA A 109 13.77 12.85 7.19
C ALA A 109 12.39 12.97 6.56
N LEU A 110 12.10 14.15 5.99
CA LEU A 110 10.88 14.38 5.20
C LEU A 110 9.60 14.28 6.05
N THR A 111 9.73 14.70 7.30
CA THR A 111 8.60 14.81 8.22
C THR A 111 8.64 16.22 8.81
N GLY A 112 7.49 16.78 9.15
CA GLY A 112 7.43 18.19 9.54
C GLY A 112 7.55 19.06 8.31
N LEU A 113 8.26 20.18 8.40
CA LEU A 113 8.46 21.07 7.26
C LEU A 113 9.78 20.78 6.60
N TYR A 114 9.78 20.55 5.29
CA TYR A 114 11.05 20.24 4.65
C TYR A 114 11.13 20.73 3.23
N LYS A 115 12.33 20.66 2.68
CA LYS A 115 12.58 21.13 1.33
C LYS A 115 12.82 19.92 0.45
N SER A 116 11.98 19.79 -0.58
CA SER A 116 12.12 18.79 -1.62
C SER A 116 12.54 19.50 -2.91
N LYS A 117 13.79 19.32 -3.33
CA LYS A 117 14.35 20.13 -4.41
C LYS A 117 14.15 21.61 -4.12
N ASN A 118 13.33 22.28 -4.93
CA ASN A 118 13.11 23.70 -4.68
C ASN A 118 11.70 23.98 -4.19
N ILE A 119 11.08 22.96 -3.60
CA ILE A 119 9.75 23.11 -3.04
C ILE A 119 9.78 22.94 -1.53
N ILE A 120 9.13 23.86 -0.82
CA ILE A 120 8.98 23.71 0.61
C ILE A 120 7.63 23.05 0.84
N VAL A 121 7.64 21.98 1.60
CA VAL A 121 6.44 21.16 1.72
C VAL A 121 6.39 20.61 3.13
N SER A 122 5.19 20.39 3.66
CA SER A 122 5.06 19.74 4.96
C SER A 122 4.56 18.30 4.85
N GLN A 123 4.83 17.49 5.86
CA GLN A 123 4.20 16.19 6.06
C GLN A 123 3.94 16.04 7.55
N CYS A 124 2.67 16.05 7.94
CA CYS A 124 2.37 16.13 9.37
C CYS A 124 1.80 14.84 9.97
N GLU A 125 1.17 13.98 9.16
CA GLU A 125 0.74 12.69 9.73
C GLU A 125 1.99 11.83 10.02
N ALA A 126 2.04 11.15 11.17
CA ALA A 126 1.03 11.18 12.23
C ALA A 126 1.28 12.29 13.25
N THR A 127 2.53 12.40 13.68
CA THR A 127 2.89 13.37 14.70
C THR A 127 4.03 14.25 14.22
N GLY A 128 3.88 14.80 13.01
CA GLY A 128 4.88 15.68 12.43
C GLY A 128 4.65 17.17 12.69
N PHE A 129 3.43 17.55 13.07
CA PHE A 129 3.12 18.97 13.30
C PHE A 129 3.97 19.52 14.44
N ARG A 130 4.28 18.67 15.41
CA ARG A 130 5.11 19.04 16.55
C ARG A 130 6.55 19.38 16.14
N ARG A 131 6.91 19.04 14.89
CA ARG A 131 8.21 19.42 14.33
C ARG A 131 8.15 20.80 13.69
N ILE A 132 6.97 21.40 13.67
CA ILE A 132 6.79 22.71 13.07
C ILE A 132 6.56 23.76 14.14
N THR A 133 5.74 23.43 15.12
CA THR A 133 5.50 24.33 16.24
C THR A 133 4.94 23.54 17.39
N PHE A 134 4.87 24.16 18.57
CA PHE A 134 4.32 23.48 19.74
C PHE A 134 2.84 23.19 19.58
N PHE A 135 2.42 22.02 20.03
CA PHE A 135 1.02 21.65 19.93
C PHE A 135 0.74 20.44 20.80
N ILE A 136 -0.53 20.22 21.11
CA ILE A 136 -0.93 18.97 21.73
C ILE A 136 -1.22 18.03 20.57
N ASP A 137 -0.17 17.37 20.10
CA ASP A 137 -0.15 16.72 18.79
C ASP A 137 -0.86 15.37 18.81
N ARG A 138 -2.19 15.40 18.73
CA ARG A 138 -3.04 14.20 18.74
C ARG A 138 -4.33 14.53 18.01
N PRO A 139 -4.92 13.55 17.33
CA PRO A 139 -5.99 13.89 16.39
C PRO A 139 -7.30 14.29 17.04
N ASP A 140 -7.47 14.07 18.34
CA ASP A 140 -8.72 14.51 18.98
C ASP A 140 -8.65 15.98 19.42
N MET A 141 -7.52 16.64 19.15
CA MET A 141 -7.42 18.08 19.43
C MET A 141 -7.81 18.93 18.20
N MET A 142 -9.10 19.12 18.01
CA MET A 142 -9.65 19.78 16.83
C MET A 142 -9.63 21.30 16.99
N ALA A 143 -9.04 21.99 16.02
CA ALA A 143 -8.97 23.45 16.09
C ALA A 143 -9.26 24.11 14.74
N LYS A 144 -9.49 25.42 14.76
CA LYS A 144 -9.61 26.22 13.55
C LYS A 144 -8.23 26.77 13.21
N TYR A 145 -7.96 26.96 11.92
CA TYR A 145 -6.63 27.36 11.50
C TYR A 145 -6.66 28.61 10.62
N ASP A 146 -5.82 29.57 10.99
CA ASP A 146 -5.64 30.81 10.26
C ASP A 146 -4.14 30.92 9.95
N VAL A 147 -3.78 30.73 8.69
CA VAL A 147 -2.36 30.53 8.38
C VAL A 147 -1.81 31.51 7.35
N THR A 148 -0.76 32.23 7.76
CA THR A 148 -0.08 33.14 6.85
C THR A 148 1.33 32.62 6.52
N VAL A 149 1.64 32.57 5.23
CA VAL A 149 2.96 32.15 4.77
C VAL A 149 3.63 33.29 4.05
N THR A 150 4.90 33.57 4.37
CA THR A 150 5.68 34.54 3.62
C THR A 150 6.99 33.93 3.11
N ALA A 151 7.44 34.42 1.96
CA ALA A 151 8.64 33.89 1.33
C ALA A 151 9.15 34.84 0.24
N ASP A 152 10.39 34.62 -0.18
CA ASP A 152 10.92 35.29 -1.33
C ASP A 152 10.05 34.99 -2.55
N LYS A 153 9.58 36.04 -3.22
CA LYS A 153 8.62 35.90 -4.32
C LYS A 153 9.17 35.21 -5.56
N GLU A 154 10.41 35.51 -5.92
CA GLU A 154 11.01 34.90 -7.11
C GLU A 154 11.16 33.38 -6.94
N LYS A 155 11.64 32.94 -5.78
CA LYS A 155 11.83 31.52 -5.51
C LYS A 155 10.53 30.79 -5.17
N TYR A 156 9.60 31.46 -4.49
CA TYR A 156 8.35 30.83 -4.04
C TYR A 156 7.10 31.62 -4.41
N PRO A 157 6.77 31.69 -5.71
CA PRO A 157 5.63 32.49 -6.15
C PRO A 157 4.29 31.86 -5.80
N VAL A 158 4.25 30.54 -5.73
CA VAL A 158 3.03 29.83 -5.38
C VAL A 158 3.05 29.46 -3.90
N LEU A 159 2.06 29.96 -3.17
CA LEU A 159 1.94 29.69 -1.75
C LEU A 159 0.62 29.00 -1.50
N LEU A 160 0.64 27.84 -0.84
CA LEU A 160 -0.59 27.11 -0.54
C LEU A 160 -0.69 26.67 0.94
N SER A 161 -1.89 26.75 1.49
CA SER A 161 -2.22 26.08 2.76
C SER A 161 -3.69 25.65 2.73
N ASN A 162 -4.19 25.06 3.81
CA ASN A 162 -5.61 24.66 3.88
C ASN A 162 -6.56 25.86 3.87
N GLY A 163 -7.79 25.63 3.39
CA GLY A 163 -8.83 26.63 3.48
C GLY A 163 -8.80 27.66 2.36
N ASP A 164 -9.50 28.77 2.56
CA ASP A 164 -9.59 29.80 1.54
C ASP A 164 -8.43 30.77 1.64
N LYS A 165 -7.84 31.09 0.49
CA LYS A 165 -6.86 32.17 0.46
C LYS A 165 -7.63 33.47 0.59
N VAL A 166 -7.36 34.23 1.64
CA VAL A 166 -8.16 35.41 1.90
C VAL A 166 -7.35 36.70 1.79
N ASN A 167 -6.06 36.57 1.59
CA ASN A 167 -5.23 37.75 1.31
C ASN A 167 -3.92 37.39 0.64
N GLU A 168 -3.50 38.24 -0.30
CA GLU A 168 -2.19 38.16 -0.92
C GLU A 168 -1.55 39.54 -0.80
N PHE A 169 -0.27 39.61 -0.45
CA PHE A 169 0.33 40.91 -0.23
C PHE A 169 1.84 40.95 -0.43
N GLU A 170 2.33 42.12 -0.84
CA GLU A 170 3.74 42.32 -1.09
C GLU A 170 4.49 42.67 0.20
N ILE A 171 5.75 42.29 0.27
CA ILE A 171 6.60 42.54 1.44
C ILE A 171 7.93 43.13 0.99
N PRO A 172 8.39 44.19 1.67
CA PRO A 172 9.68 44.80 1.38
C PRO A 172 10.83 43.79 1.32
N GLY A 173 11.73 43.96 0.37
CA GLY A 173 12.88 43.07 0.23
C GLY A 173 12.64 41.90 -0.70
N GLY A 174 11.70 42.04 -1.62
CA GLY A 174 11.44 41.02 -2.63
C GLY A 174 10.58 39.83 -2.20
N ARG A 175 9.82 40.00 -1.12
CA ARG A 175 9.01 38.92 -0.56
C ARG A 175 7.54 39.18 -0.82
N HIS A 176 6.79 38.11 -0.81
CA HIS A 176 5.37 38.20 -0.48
C HIS A 176 4.88 37.28 0.63
N GLY A 177 3.58 37.42 0.91
CA GLY A 177 2.85 36.62 1.86
C GLY A 177 1.49 36.23 1.31
N ALA A 178 0.86 35.22 1.90
CA ALA A 178 -0.49 34.80 1.58
C ALA A 178 -1.13 34.29 2.85
N ARG A 179 -2.38 34.66 3.05
CA ARG A 179 -3.12 34.25 4.24
C ARG A 179 -4.27 33.32 3.87
N PHE A 180 -4.34 32.21 4.59
CA PHE A 180 -5.34 31.18 4.38
C PHE A 180 -6.15 30.97 5.65
N ASN A 181 -7.47 31.10 5.56
CA ASN A 181 -8.32 30.83 6.69
C ASN A 181 -9.17 29.59 6.45
N ASP A 182 -9.10 28.64 7.38
CA ASP A 182 -9.81 27.37 7.29
C ASP A 182 -10.71 27.20 8.52
N PRO A 183 -11.93 27.72 8.45
CA PRO A 183 -12.81 27.70 9.61
C PRO A 183 -13.25 26.32 10.12
N PRO A 184 -13.51 25.31 9.26
CA PRO A 184 -13.92 24.02 9.83
C PRO A 184 -12.85 23.43 10.75
N LEU A 185 -13.27 22.85 11.88
CA LEU A 185 -12.33 22.19 12.79
C LEU A 185 -11.57 21.06 12.09
N LYS A 186 -10.29 20.91 12.41
CA LYS A 186 -9.52 19.76 11.92
C LYS A 186 -8.45 19.39 12.91
N PRO A 187 -7.99 18.13 12.87
CA PRO A 187 -6.81 17.73 13.62
C PRO A 187 -5.54 18.25 12.94
N CYS A 188 -4.47 18.43 13.71
CA CYS A 188 -3.27 19.07 13.16
C CYS A 188 -2.56 18.22 12.11
N TYR A 189 -2.76 16.90 12.09
CA TYR A 189 -2.03 16.07 11.12
C TYR A 189 -2.52 16.35 9.69
N LEU A 190 -3.64 17.06 9.58
CA LEU A 190 -4.21 17.43 8.28
C LEU A 190 -3.80 18.83 7.83
N PHE A 191 -3.09 19.56 8.70
CA PHE A 191 -2.48 20.82 8.29
C PHE A 191 -1.47 20.59 7.17
N ALA A 192 -1.41 21.50 6.20
CA ALA A 192 -0.30 21.49 5.25
C ALA A 192 0.02 22.87 4.72
N VAL A 193 1.26 23.00 4.27
CA VAL A 193 1.72 24.21 3.63
C VAL A 193 2.68 23.83 2.51
N VAL A 194 2.62 24.56 1.40
CA VAL A 194 3.48 24.36 0.25
C VAL A 194 3.93 25.71 -0.29
N ALA A 195 5.24 25.85 -0.55
CA ALA A 195 5.76 27.02 -1.26
C ALA A 195 6.71 26.59 -2.38
N GLY A 196 6.55 27.18 -3.56
CA GLY A 196 7.46 26.86 -4.64
C GLY A 196 7.11 27.50 -5.96
N ASP A 197 7.98 27.31 -6.94
CA ASP A 197 7.75 27.81 -8.29
C ASP A 197 6.97 26.72 -9.01
N LEU A 198 5.67 26.65 -8.70
CA LEU A 198 4.83 25.56 -9.20
C LEU A 198 4.04 25.98 -10.42
N LYS A 199 3.91 25.06 -11.37
CA LYS A 199 3.03 25.25 -12.53
C LYS A 199 1.87 24.29 -12.38
N HIS A 200 0.77 24.56 -13.07
CA HIS A 200 -0.44 23.78 -12.85
C HIS A 200 -1.28 23.50 -14.10
N LEU A 201 -2.10 22.46 -13.98
CA LEU A 201 -3.30 22.33 -14.81
C LEU A 201 -4.49 22.53 -13.89
N SER A 202 -5.61 23.01 -14.43
CA SER A 202 -6.80 23.16 -13.61
C SER A 202 -8.06 22.88 -14.40
N ALA A 203 -9.13 22.67 -13.66
CA ALA A 203 -10.44 22.41 -14.25
C ALA A 203 -11.51 22.84 -13.26
N THR A 204 -12.73 22.95 -13.72
CA THR A 204 -13.84 23.22 -12.83
C THR A 204 -14.75 22.00 -12.79
N TYR A 205 -15.06 21.53 -11.59
CA TYR A 205 -15.98 20.41 -11.41
C TYR A 205 -17.27 20.91 -10.79
N ILE A 206 -18.39 20.45 -11.31
CA ILE A 206 -19.70 20.86 -10.81
C ILE A 206 -20.37 19.66 -10.15
N THR A 207 -20.67 19.77 -8.86
CA THR A 207 -21.13 18.62 -8.08
C THR A 207 -22.53 18.20 -8.52
N LYS A 208 -22.88 16.95 -8.20
CA LYS A 208 -24.05 16.29 -8.76
C LYS A 208 -25.38 16.81 -8.25
N TYR A 209 -25.45 17.12 -6.96
CA TYR A 209 -26.75 17.40 -6.35
C TYR A 209 -26.92 18.87 -5.98
N THR A 210 -25.87 19.48 -5.45
CA THR A 210 -25.97 20.87 -5.02
C THR A 210 -25.37 21.80 -6.07
N LYS A 211 -24.82 21.21 -7.12
CA LYS A 211 -24.29 21.97 -8.25
C LYS A 211 -23.27 23.03 -7.83
N LYS A 212 -22.48 22.71 -6.80
CA LYS A 212 -21.41 23.58 -6.36
C LYS A 212 -20.23 23.51 -7.32
N LYS A 213 -19.63 24.66 -7.63
CA LYS A 213 -18.47 24.68 -8.49
C LYS A 213 -17.20 24.48 -7.67
N VAL A 214 -16.45 23.45 -8.01
CA VAL A 214 -15.21 23.15 -7.33
C VAL A 214 -14.05 23.37 -8.30
N GLU A 215 -13.09 24.20 -7.89
CA GLU A 215 -11.88 24.38 -8.67
C GLU A 215 -10.88 23.27 -8.36
N LEU A 216 -10.36 22.63 -9.41
CA LEU A 216 -9.40 21.55 -9.26
C LEU A 216 -8.05 21.99 -9.81
N TYR A 217 -7.00 21.89 -8.98
CA TYR A 217 -5.67 22.28 -9.43
C TYR A 217 -4.69 21.15 -9.21
N VAL A 218 -3.85 20.86 -10.21
CA VAL A 218 -2.77 19.87 -10.03
C VAL A 218 -1.46 20.57 -10.31
N PHE A 219 -0.50 20.45 -9.38
CA PHE A 219 0.73 21.24 -9.43
C PHE A 219 1.98 20.37 -9.57
N SER A 220 2.97 20.84 -10.30
CA SER A 220 4.30 20.24 -10.28
C SER A 220 5.35 21.29 -10.57
N GLU A 221 6.61 20.89 -10.50
CA GLU A 221 7.66 21.77 -10.96
C GLU A 221 7.50 21.96 -12.46
N GLU A 222 7.97 23.09 -12.96
CA GLU A 222 7.75 23.47 -14.36
C GLU A 222 8.17 22.40 -15.36
N LYS A 223 9.27 21.70 -15.07
CA LYS A 223 9.79 20.72 -16.01
C LYS A 223 8.79 19.60 -16.33
N TYR A 224 7.97 19.26 -15.35
CA TYR A 224 7.12 18.08 -15.50
C TYR A 224 5.63 18.43 -15.61
N VAL A 225 5.34 19.70 -15.91
CA VAL A 225 3.96 20.15 -16.00
C VAL A 225 3.18 19.34 -17.05
N SER A 226 3.87 18.83 -18.06
CA SER A 226 3.21 18.05 -19.09
C SER A 226 2.81 16.65 -18.61
N LYS A 227 3.14 16.30 -17.37
CA LYS A 227 2.80 14.97 -16.84
C LYS A 227 1.60 15.01 -15.88
N LEU A 228 0.84 16.11 -15.91
CA LEU A 228 -0.20 16.34 -14.92
C LEU A 228 -1.60 15.88 -15.34
N GLN A 229 -1.80 15.60 -16.63
CA GLN A 229 -3.16 15.43 -17.15
C GLN A 229 -3.93 14.22 -16.60
N TRP A 230 -3.26 13.08 -16.48
CA TRP A 230 -3.95 11.88 -16.05
C TRP A 230 -4.46 12.03 -14.62
N ALA A 231 -3.61 12.59 -13.75
CA ALA A 231 -3.98 12.95 -12.38
C ALA A 231 -5.28 13.76 -12.35
N LEU A 232 -5.38 14.79 -13.18
CA LEU A 232 -6.58 15.62 -13.17
C LEU A 232 -7.80 14.79 -13.58
N GLU A 233 -7.66 13.96 -14.62
CA GLU A 233 -8.73 13.05 -15.01
C GLU A 233 -9.12 12.09 -13.88
N CYS A 234 -8.12 11.56 -13.18
CA CYS A 234 -8.39 10.62 -12.11
C CYS A 234 -9.15 11.31 -10.98
N LEU A 235 -8.84 12.57 -10.71
CA LEU A 235 -9.54 13.32 -9.66
C LEU A 235 -11.01 13.47 -10.03
N LYS A 236 -11.28 13.88 -11.28
CA LYS A 236 -12.66 14.02 -11.75
C LYS A 236 -13.40 12.70 -11.60
N LYS A 237 -12.73 11.62 -11.99
CA LYS A 237 -13.30 10.27 -11.88
C LYS A 237 -13.62 9.94 -10.43
N SER A 238 -12.72 10.31 -9.53
CA SER A 238 -12.89 10.02 -8.12
C SER A 238 -14.11 10.73 -7.56
N MET A 239 -14.26 12.00 -7.92
CA MET A 239 -15.36 12.81 -7.41
C MET A 239 -16.68 12.23 -7.90
N ALA A 240 -16.71 11.85 -9.17
CA ALA A 240 -17.93 11.29 -9.75
C ALA A 240 -18.30 9.98 -9.05
N PHE A 241 -17.31 9.13 -8.77
CA PHE A 241 -17.59 7.85 -8.16
C PHE A 241 -18.17 8.01 -6.75
N ASP A 242 -17.62 8.93 -5.97
CA ASP A 242 -18.09 9.12 -4.60
C ASP A 242 -19.53 9.64 -4.69
N GLU A 243 -19.82 10.44 -5.71
CA GLU A 243 -21.19 10.92 -5.91
C GLU A 243 -22.12 9.79 -6.34
N ASP A 244 -21.67 8.95 -7.26
CA ASP A 244 -22.52 7.93 -7.88
C ASP A 244 -22.72 6.70 -6.99
N TYR A 245 -21.66 6.24 -6.35
CA TYR A 245 -21.78 5.05 -5.52
C TYR A 245 -22.28 5.40 -4.11
N PHE A 246 -21.69 6.43 -3.50
CA PHE A 246 -21.98 6.74 -2.09
C PHE A 246 -22.90 7.95 -1.86
N GLY A 247 -23.20 8.68 -2.92
CA GLY A 247 -24.05 9.85 -2.83
C GLY A 247 -23.37 11.03 -2.15
N LEU A 248 -22.03 11.06 -2.22
CA LEU A 248 -21.23 12.03 -1.47
C LEU A 248 -20.54 13.05 -2.37
N GLU A 249 -20.78 14.34 -2.09
CA GLU A 249 -20.19 15.45 -2.82
C GLU A 249 -19.04 16.11 -2.06
N TYR A 250 -18.11 16.71 -2.80
CA TYR A 250 -17.05 17.50 -2.19
C TYR A 250 -17.64 18.79 -1.60
N ASP A 251 -17.15 19.18 -0.42
CA ASP A 251 -17.74 20.27 0.34
C ASP A 251 -16.97 21.59 0.25
N LEU A 252 -15.82 21.59 -0.42
CA LEU A 252 -15.00 22.80 -0.44
C LEU A 252 -14.93 23.44 -1.82
N SER A 253 -14.51 24.70 -1.87
CA SER A 253 -14.44 25.46 -3.12
C SER A 253 -13.33 25.00 -4.06
N ARG A 254 -12.29 24.40 -3.49
CA ARG A 254 -11.08 24.13 -4.25
C ARG A 254 -10.36 22.91 -3.71
N LEU A 255 -9.72 22.16 -4.59
CA LEU A 255 -8.86 21.05 -4.20
C LEU A 255 -7.55 21.12 -4.97
N ASN A 256 -6.44 21.17 -4.22
CA ASN A 256 -5.11 21.16 -4.80
C ASN A 256 -4.44 19.79 -4.64
N LEU A 257 -3.86 19.29 -5.74
CA LEU A 257 -2.95 18.13 -5.72
C LEU A 257 -1.53 18.65 -6.04
N VAL A 258 -0.56 18.33 -5.20
CA VAL A 258 0.80 18.82 -5.45
C VAL A 258 1.81 17.68 -5.48
N ALA A 259 2.61 17.63 -6.53
CA ALA A 259 3.66 16.62 -6.64
C ALA A 259 5.02 17.16 -6.15
N VAL A 260 5.66 16.40 -5.27
CA VAL A 260 7.04 16.68 -4.85
C VAL A 260 7.92 15.45 -5.09
N SER A 261 9.23 15.67 -5.31
CA SER A 261 10.15 14.62 -5.68
C SER A 261 10.57 13.73 -4.49
N ASP A 262 10.58 14.30 -3.30
CA ASP A 262 10.99 13.59 -2.11
C ASP A 262 9.81 13.37 -1.17
N PHE A 263 9.37 12.11 -1.07
CA PHE A 263 8.21 11.80 -0.23
C PHE A 263 8.35 10.40 0.36
N ASN A 264 7.97 10.23 1.62
CA ASN A 264 8.23 8.95 2.29
C ASN A 264 7.32 7.82 1.81
N VAL A 265 6.13 8.18 1.34
CA VAL A 265 5.11 7.21 0.95
C VAL A 265 4.52 7.65 -0.40
N GLY A 266 3.33 7.19 -0.72
CA GLY A 266 2.69 7.56 -1.98
C GLY A 266 2.06 8.95 -2.00
N ALA A 267 1.23 9.26 -1.00
CA ALA A 267 0.64 10.60 -0.87
C ALA A 267 -0.02 10.80 0.49
N MET A 268 -0.56 12.00 0.69
CA MET A 268 -1.10 12.42 1.97
C MET A 268 -2.37 13.25 1.76
N GLU A 269 -3.40 13.01 2.57
CA GLU A 269 -4.72 13.58 2.33
C GLU A 269 -5.00 14.93 3.02
N ASN A 270 -4.01 15.81 3.12
CA ASN A 270 -4.21 17.12 3.77
C ASN A 270 -5.40 17.86 3.17
N LYS A 271 -6.29 18.37 4.02
CA LYS A 271 -7.57 18.92 3.58
C LYS A 271 -7.44 20.03 2.53
N GLY A 272 -7.99 19.79 1.34
CA GLY A 272 -7.93 20.74 0.25
C GLY A 272 -6.55 20.85 -0.39
N LEU A 273 -5.58 20.11 0.15
CA LEU A 273 -4.19 20.24 -0.27
C LEU A 273 -3.49 18.88 -0.24
N ASN A 274 -3.88 17.97 -1.12
CA ASN A 274 -3.31 16.64 -1.10
C ASN A 274 -1.91 16.71 -1.70
N ILE A 275 -0.95 16.09 -1.03
CA ILE A 275 0.45 16.17 -1.44
C ILE A 275 0.91 14.76 -1.81
N PHE A 276 1.62 14.67 -2.93
CA PHE A 276 1.93 13.39 -3.55
C PHE A 276 3.42 13.20 -3.78
N ASN A 277 3.89 11.98 -3.54
CA ASN A 277 5.10 11.51 -4.20
C ASN A 277 4.89 11.71 -5.70
N ALA A 278 5.82 12.38 -6.36
CA ALA A 278 5.72 12.60 -7.80
C ALA A 278 5.48 11.28 -8.55
N ASN A 279 6.00 10.16 -8.06
CA ASN A 279 5.79 8.91 -8.82
C ASN A 279 4.35 8.41 -8.72
N SER A 280 3.55 9.04 -7.86
CA SER A 280 2.15 8.65 -7.72
C SER A 280 1.19 9.75 -8.20
N LEU A 281 1.72 10.75 -8.91
CA LEU A 281 0.87 11.79 -9.48
C LEU A 281 1.20 12.08 -10.96
N LEU A 282 2.49 12.01 -11.32
CA LEU A 282 2.93 12.42 -12.64
C LEU A 282 3.11 11.25 -13.59
N ALA A 283 2.68 11.42 -14.84
CA ALA A 283 2.89 10.40 -15.86
C ALA A 283 2.69 10.99 -17.25
N SER A 284 3.40 10.43 -18.22
CA SER A 284 3.10 10.65 -19.64
C SER A 284 3.39 9.34 -20.35
N LYS A 285 2.77 9.11 -21.50
CA LYS A 285 2.97 7.84 -22.18
C LYS A 285 4.40 7.66 -22.69
N LYS A 286 5.08 8.77 -22.98
CA LYS A 286 6.47 8.71 -23.42
C LYS A 286 7.43 8.41 -22.27
N ASN A 287 7.07 8.82 -21.06
CA ASN A 287 8.04 8.82 -19.96
C ASN A 287 7.62 8.00 -18.74
N SER A 288 6.59 7.17 -18.88
CA SER A 288 6.15 6.36 -17.73
C SER A 288 5.87 4.94 -18.17
N ILE A 289 6.10 3.98 -17.29
CA ILE A 289 5.66 2.63 -17.59
C ILE A 289 4.15 2.54 -17.33
N ASP A 290 3.54 1.45 -17.82
CA ASP A 290 2.10 1.27 -17.74
C ASP A 290 1.58 1.31 -16.31
N PHE A 291 2.36 0.78 -15.37
CA PHE A 291 1.94 0.69 -13.98
C PHE A 291 1.62 2.04 -13.36
N SER A 292 2.25 3.10 -13.85
CA SER A 292 1.98 4.43 -13.32
C SER A 292 0.51 4.83 -13.43
N TYR A 293 -0.18 4.32 -14.45
CA TYR A 293 -1.54 4.79 -14.69
C TYR A 293 -2.53 4.25 -13.63
N ALA A 294 -2.44 2.96 -13.31
CA ALA A 294 -3.24 2.41 -12.22
C ALA A 294 -2.78 2.96 -10.88
N ARG A 295 -1.49 3.25 -10.75
CA ARG A 295 -0.94 3.77 -9.51
C ARG A 295 -1.51 5.16 -9.19
N ILE A 296 -1.52 6.04 -10.18
CA ILE A 296 -2.04 7.40 -10.01
C ILE A 296 -3.55 7.35 -9.77
N LEU A 297 -4.27 6.50 -10.52
CA LEU A 297 -5.70 6.35 -10.29
C LEU A 297 -5.96 5.95 -8.83
N THR A 298 -5.24 4.94 -8.36
CA THR A 298 -5.35 4.47 -6.98
CA THR A 298 -5.36 4.45 -7.00
C THR A 298 -5.04 5.54 -5.95
N VAL A 299 -3.92 6.23 -6.12
CA VAL A 299 -3.48 7.14 -5.08
C VAL A 299 -4.30 8.42 -5.07
N VAL A 300 -4.61 8.95 -6.25
CA VAL A 300 -5.49 10.12 -6.30
C VAL A 300 -6.85 9.78 -5.70
N GLY A 301 -7.41 8.65 -6.12
CA GLY A 301 -8.69 8.22 -5.60
C GLY A 301 -8.62 8.06 -4.10
N HIS A 302 -7.61 7.34 -3.62
CA HIS A 302 -7.42 7.13 -2.20
C HIS A 302 -7.41 8.45 -1.40
N GLU A 303 -6.58 9.41 -1.79
CA GLU A 303 -6.53 10.66 -1.01
C GLU A 303 -7.87 11.41 -1.14
N TYR A 304 -8.54 11.30 -2.29
CA TYR A 304 -9.83 11.95 -2.44
C TYR A 304 -10.88 11.32 -1.52
N PHE A 305 -10.94 9.99 -1.45
CA PHE A 305 -11.98 9.35 -0.66
C PHE A 305 -11.78 9.63 0.84
N HIS A 306 -10.55 9.95 1.22
CA HIS A 306 -10.27 10.39 2.59
C HIS A 306 -11.06 11.62 3.00
N GLN A 307 -11.51 12.44 2.04
CA GLN A 307 -12.18 13.68 2.43
C GLN A 307 -13.35 13.37 3.37
N TYR A 308 -14.05 12.26 3.09
CA TYR A 308 -15.05 11.76 4.03
C TYR A 308 -14.47 10.82 5.07
N THR A 309 -13.84 9.73 4.63
CA THR A 309 -13.42 8.70 5.57
C THR A 309 -11.99 9.01 6.05
N GLY A 310 -11.92 9.94 7.00
CA GLY A 310 -10.66 10.39 7.57
C GLY A 310 -10.66 11.89 7.84
N ASN A 311 -11.16 12.68 6.88
CA ASN A 311 -11.11 14.14 7.05
C ASN A 311 -12.40 14.70 7.68
N ARG A 312 -13.57 14.31 7.17
CA ARG A 312 -14.82 14.80 7.75
C ARG A 312 -15.23 13.94 8.94
N VAL A 313 -15.05 12.63 8.81
CA VAL A 313 -15.11 11.72 9.95
C VAL A 313 -13.67 11.35 10.30
N THR A 314 -13.16 11.83 11.42
CA THR A 314 -11.76 11.65 11.79
CA THR A 314 -11.75 11.60 11.74
C THR A 314 -11.57 10.61 12.88
N LEU A 315 -10.32 10.45 13.32
CA LEU A 315 -9.95 9.46 14.33
C LEU A 315 -9.88 10.06 15.73
N ARG A 316 -10.38 9.32 16.71
CA ARG A 316 -10.23 9.72 18.10
C ARG A 316 -8.77 9.65 18.57
N ASP A 317 -8.08 8.61 18.10
CA ASP A 317 -6.71 8.30 18.52
C ASP A 317 -6.10 7.47 17.40
N TRP A 318 -4.78 7.27 17.46
CA TRP A 318 -4.11 6.61 16.35
C TRP A 318 -4.36 5.10 16.29
N PHE A 319 -4.87 4.52 17.36
CA PHE A 319 -5.17 3.08 17.34
C PHE A 319 -6.33 2.77 16.37
N GLN A 320 -7.12 3.80 16.08
CA GLN A 320 -8.22 3.68 15.13
C GLN A 320 -7.77 3.87 13.67
N LEU A 321 -6.46 3.90 13.41
CA LEU A 321 -5.94 4.15 12.06
C LEU A 321 -6.66 3.35 10.95
N THR A 322 -6.91 2.07 11.19
CA THR A 322 -7.51 1.22 10.16
C THR A 322 -8.92 1.71 9.80
N LEU A 323 -9.58 2.38 10.74
CA LEU A 323 -10.92 2.93 10.43
C LEU A 323 -10.91 3.94 9.26
N LYS A 324 -9.83 4.73 9.14
CA LYS A 324 -9.72 5.58 7.96
C LYS A 324 -8.90 4.91 6.86
N GLU A 325 -7.91 4.08 7.21
CA GLU A 325 -7.09 3.51 6.13
C GLU A 325 -7.70 2.24 5.51
N GLY A 326 -8.17 1.32 6.32
CA GLY A 326 -8.81 0.13 5.77
C GLY A 326 -10.03 0.56 4.97
N LEU A 327 -10.78 1.53 5.49
CA LEU A 327 -12.02 1.93 4.83
C LEU A 327 -11.76 2.69 3.52
N THR A 328 -10.72 3.52 3.50
CA THR A 328 -10.41 4.29 2.31
C THR A 328 -9.74 3.41 1.22
N VAL A 329 -8.94 2.42 1.63
CA VAL A 329 -8.41 1.46 0.66
C VAL A 329 -9.59 0.69 0.02
N HIS A 330 -10.55 0.28 0.85
CA HIS A 330 -11.75 -0.42 0.36
C HIS A 330 -12.50 0.47 -0.61
N ARG A 331 -12.66 1.74 -0.28
CA ARG A 331 -13.33 2.68 -1.16
C ARG A 331 -12.55 2.88 -2.47
N GLU A 332 -11.24 2.99 -2.37
CA GLU A 332 -10.41 3.06 -3.58
C GLU A 332 -10.47 1.77 -4.42
N ASN A 333 -10.56 0.60 -3.78
CA ASN A 333 -10.66 -0.64 -4.55
C ASN A 333 -11.98 -0.74 -5.31
N LEU A 334 -13.09 -0.37 -4.67
CA LEU A 334 -14.38 -0.29 -5.36
C LEU A 334 -14.26 0.61 -6.59
N PHE A 335 -13.62 1.75 -6.38
CA PHE A 335 -13.45 2.77 -7.41
C PHE A 335 -12.65 2.24 -8.61
N SER A 336 -11.48 1.70 -8.31
CA SER A 336 -10.58 1.22 -9.35
C SER A 336 -11.18 0.04 -10.10
N GLU A 337 -11.81 -0.89 -9.39
CA GLU A 337 -12.47 -2.00 -10.08
C GLU A 337 -13.51 -1.47 -11.08
N GLU A 338 -14.26 -0.45 -10.66
CA GLU A 338 -15.27 0.15 -11.54
C GLU A 338 -14.61 0.89 -12.72
N MET A 339 -13.46 1.52 -12.48
CA MET A 339 -12.82 2.31 -13.53
C MET A 339 -12.07 1.46 -14.56
N THR A 340 -11.43 0.39 -14.09
CA THR A 340 -10.59 -0.41 -14.99
C THR A 340 -11.41 -1.45 -15.74
N LYS A 341 -12.48 -1.92 -15.13
CA LYS A 341 -13.31 -2.98 -15.73
C LYS A 341 -12.51 -4.24 -16.11
N THR A 342 -11.43 -4.52 -15.40
CA THR A 342 -10.65 -5.75 -15.64
C THR A 342 -10.65 -6.57 -14.37
N VAL A 343 -10.71 -7.89 -14.50
CA VAL A 343 -10.69 -8.75 -13.31
C VAL A 343 -9.33 -8.70 -12.62
N THR A 344 -8.28 -8.30 -13.34
CA THR A 344 -6.95 -8.31 -12.74
C THR A 344 -6.78 -7.26 -11.64
N THR A 345 -7.65 -6.26 -11.60
CA THR A 345 -7.58 -5.26 -10.52
C THR A 345 -7.81 -5.93 -9.17
N ARG A 346 -8.87 -6.70 -9.03
CA ARG A 346 -9.11 -7.43 -7.78
C ARG A 346 -8.02 -8.48 -7.58
N LEU A 347 -7.62 -9.18 -8.64
CA LEU A 347 -6.62 -10.25 -8.50
C LEU A 347 -5.32 -9.70 -7.96
N SER A 348 -4.92 -8.51 -8.44
CA SER A 348 -3.65 -7.94 -8.03
C SER A 348 -3.65 -7.57 -6.53
N HIS A 349 -4.79 -7.09 -6.04
CA HIS A 349 -4.90 -6.81 -4.60
CA HIS A 349 -4.92 -6.80 -4.61
C HIS A 349 -4.75 -8.07 -3.75
N VAL A 350 -5.43 -9.14 -4.17
CA VAL A 350 -5.39 -10.40 -3.43
C VAL A 350 -3.98 -10.95 -3.49
N ASP A 351 -3.38 -10.85 -4.68
CA ASP A 351 -2.01 -11.32 -4.90
C ASP A 351 -1.04 -10.63 -3.92
N LEU A 352 -1.25 -9.33 -3.73
CA LEU A 352 -0.43 -8.58 -2.79
C LEU A 352 -0.72 -9.01 -1.35
N LEU A 353 -2.00 -9.10 -0.98
CA LEU A 353 -2.37 -9.47 0.39
C LEU A 353 -1.78 -10.82 0.81
N ARG A 354 -1.95 -11.82 -0.05
CA ARG A 354 -1.59 -13.18 0.32
C ARG A 354 -0.08 -13.41 0.26
N SER A 355 0.65 -12.48 -0.34
CA SER A 355 2.10 -12.58 -0.29
C SER A 355 2.64 -11.70 0.83
N VAL A 356 2.59 -10.40 0.64
CA VAL A 356 3.18 -9.45 1.60
C VAL A 356 2.46 -9.41 2.95
N GLN A 357 1.13 -9.29 2.96
CA GLN A 357 0.45 -9.18 4.24
C GLN A 357 0.41 -10.54 4.98
N PHE A 358 0.26 -11.65 4.26
CA PHE A 358 0.25 -12.94 4.96
C PHE A 358 1.61 -13.21 5.61
N LEU A 359 2.67 -12.83 4.91
CA LEU A 359 4.02 -12.92 5.46
C LEU A 359 4.14 -12.14 6.77
N GLU A 360 3.68 -10.89 6.76
CA GLU A 360 3.74 -10.06 7.96
C GLU A 360 2.98 -10.70 9.13
N ASP A 361 1.81 -11.24 8.82
CA ASP A 361 0.93 -11.80 9.85
C ASP A 361 1.41 -13.11 10.47
N SER A 362 2.38 -13.76 9.84
CA SER A 362 2.94 -14.96 10.46
C SER A 362 4.37 -14.69 10.93
N SER A 363 4.79 -13.42 10.86
CA SER A 363 6.12 -12.98 11.31
C SER A 363 6.05 -12.57 12.77
N PRO A 364 7.23 -12.32 13.39
CA PRO A 364 7.21 -11.76 14.74
C PRO A 364 6.50 -10.38 14.83
N LEU A 365 6.28 -9.74 13.68
CA LEU A 365 5.66 -8.41 13.66
C LEU A 365 4.12 -8.47 13.69
N SER A 366 3.58 -9.68 13.63
CA SER A 366 2.12 -9.86 13.52
C SER A 366 1.33 -9.01 14.53
N HIS A 367 0.31 -8.34 14.01
CA HIS A 367 -0.55 -7.51 14.82
C HIS A 367 -1.94 -7.52 14.21
N PRO A 368 -2.98 -7.24 15.03
CA PRO A 368 -4.32 -7.07 14.48
C PRO A 368 -4.44 -5.73 13.74
N ILE A 369 -5.52 -5.53 13.01
CA ILE A 369 -5.63 -4.32 12.23
C ILE A 369 -5.86 -3.13 13.17
N ARG A 370 -6.27 -3.41 14.41
CA ARG A 370 -6.26 -2.38 15.45
C ARG A 370 -5.36 -2.82 16.62
N PRO A 371 -4.07 -2.45 16.57
CA PRO A 371 -3.12 -2.89 17.59
C PRO A 371 -3.47 -2.38 18.99
N GLU A 372 -2.87 -3.03 19.99
CA GLU A 372 -3.11 -2.68 21.38
C GLU A 372 -2.07 -1.70 21.91
N SER A 373 -1.02 -1.49 21.11
CA SER A 373 0.10 -0.67 21.55
C SER A 373 0.97 -0.22 20.39
N TYR A 374 1.72 0.86 20.58
CA TYR A 374 2.76 1.22 19.63
C TYR A 374 3.85 2.01 20.34
N VAL A 375 5.01 2.05 19.71
CA VAL A 375 6.11 2.89 20.16
C VAL A 375 6.35 3.98 19.12
N SER A 376 6.47 3.55 17.88
CA SER A 376 6.74 4.45 16.76
C SER A 376 5.50 4.54 15.87
N MET A 377 4.91 5.73 15.76
CA MET A 377 3.78 5.89 14.84
C MET A 377 4.27 5.77 13.39
N GLU A 378 5.54 6.06 13.15
CA GLU A 378 6.06 6.02 11.79
C GLU A 378 6.18 4.57 11.30
N ASN A 379 6.14 3.61 12.23
CA ASN A 379 6.17 2.19 11.86
C ASN A 379 4.78 1.53 11.86
N PHE A 380 3.77 2.31 12.21
CA PHE A 380 2.39 1.82 12.38
C PHE A 380 1.64 1.60 11.05
N TYR A 381 2.15 2.19 9.97
CA TYR A 381 1.39 2.23 8.71
C TYR A 381 1.70 1.00 7.87
N THR A 382 1.12 -0.12 8.28
CA THR A 382 1.50 -1.42 7.77
C THR A 382 0.53 -2.00 6.76
N THR A 383 1.00 -2.96 5.98
CA THR A 383 0.11 -3.68 5.09
C THR A 383 -1.03 -4.37 5.86
N THR A 384 -0.81 -4.73 7.13
CA THR A 384 -1.89 -5.30 7.92
C THR A 384 -3.00 -4.26 8.14
N VAL A 385 -2.64 -3.09 8.66
CA VAL A 385 -3.62 -2.04 8.88
C VAL A 385 -4.31 -1.61 7.59
N TYR A 386 -3.55 -1.52 6.50
CA TYR A 386 -4.10 -1.07 5.23
C TYR A 386 -4.87 -2.15 4.48
N ASP A 387 -4.17 -3.23 4.19
CA ASP A 387 -4.66 -4.19 3.20
C ASP A 387 -5.55 -5.26 3.84
N LYS A 388 -5.15 -5.81 4.98
CA LYS A 388 -6.11 -6.67 5.67
C LYS A 388 -7.23 -5.79 6.20
N GLY A 389 -6.90 -4.57 6.65
CA GLY A 389 -7.93 -3.59 6.98
C GLY A 389 -8.97 -3.46 5.88
N SER A 390 -8.52 -3.29 4.64
CA SER A 390 -9.45 -3.14 3.52
CA SER A 390 -9.46 -3.13 3.52
C SER A 390 -10.31 -4.39 3.32
N GLU A 391 -9.71 -5.57 3.50
CA GLU A 391 -10.48 -6.82 3.30
C GLU A 391 -11.53 -6.98 4.39
N VAL A 392 -11.21 -6.51 5.60
CA VAL A 392 -12.19 -6.52 6.68
C VAL A 392 -13.31 -5.52 6.38
N MET A 393 -12.96 -4.40 5.75
CA MET A 393 -14.00 -3.42 5.41
C MET A 393 -14.83 -3.95 4.24
N ARG A 394 -14.18 -4.62 3.31
CA ARG A 394 -14.88 -5.21 2.16
C ARG A 394 -15.85 -6.34 2.58
N MET A 395 -15.50 -7.12 3.60
CA MET A 395 -16.40 -8.20 4.03
C MET A 395 -17.78 -7.68 4.47
N TYR A 396 -17.85 -6.46 5.00
CA TYR A 396 -19.16 -5.89 5.34
C TYR A 396 -20.07 -5.84 4.09
N LEU A 397 -19.48 -5.40 2.98
CA LEU A 397 -20.20 -5.34 1.71
C LEU A 397 -20.61 -6.74 1.24
N THR A 398 -19.71 -7.70 1.37
CA THR A 398 -20.05 -9.09 0.99
C THR A 398 -21.23 -9.62 1.82
N ILE A 399 -21.14 -9.41 3.12
CA ILE A 399 -22.20 -9.88 4.02
C ILE A 399 -23.53 -9.17 3.76
N LEU A 400 -23.49 -7.84 3.60
CA LEU A 400 -24.71 -7.04 3.50
C LEU A 400 -25.32 -6.96 2.09
N GLY A 401 -24.47 -7.11 1.08
CA GLY A 401 -24.91 -6.84 -0.28
C GLY A 401 -24.88 -5.33 -0.50
N GLU A 402 -24.91 -4.92 -1.76
CA GLU A 402 -24.68 -3.53 -2.12
C GLU A 402 -25.68 -2.55 -1.52
N GLU A 403 -26.97 -2.89 -1.59
CA GLU A 403 -28.02 -2.01 -1.10
C GLU A 403 -27.90 -1.73 0.41
N TYR A 404 -27.83 -2.78 1.21
CA TYR A 404 -27.73 -2.59 2.66
C TYR A 404 -26.36 -2.09 3.07
N TYR A 405 -25.33 -2.40 2.27
CA TYR A 405 -24.02 -1.84 2.59
C TYR A 405 -24.07 -0.31 2.44
N LYS A 406 -24.61 0.16 1.33
CA LYS A 406 -24.73 1.61 1.13
C LYS A 406 -25.56 2.25 2.25
N LYS A 407 -26.58 1.55 2.73
CA LYS A 407 -27.39 2.08 3.82
C LYS A 407 -26.58 2.22 5.09
N GLY A 408 -25.85 1.16 5.43
CA GLY A 408 -25.02 1.16 6.62
C GLY A 408 -23.94 2.22 6.55
N PHE A 409 -23.31 2.35 5.40
CA PHE A 409 -22.22 3.30 5.23
C PHE A 409 -22.75 4.74 5.43
N ASP A 410 -23.91 5.02 4.85
CA ASP A 410 -24.50 6.34 4.98
C ASP A 410 -24.91 6.65 6.43
N ILE A 411 -25.37 5.63 7.15
CA ILE A 411 -25.63 5.77 8.58
C ILE A 411 -24.35 6.19 9.29
N TYR A 412 -23.24 5.52 8.94
CA TYR A 412 -21.95 5.85 9.54
C TYR A 412 -21.55 7.30 9.28
N ILE A 413 -21.72 7.75 8.04
CA ILE A 413 -21.34 9.11 7.65
C ILE A 413 -22.26 10.15 8.29
N LYS A 414 -23.57 9.94 8.20
CA LYS A 414 -24.51 10.92 8.73
C LYS A 414 -24.35 11.08 10.25
N LYS A 415 -24.03 9.98 10.92
CA LYS A 415 -23.95 10.00 12.37
C LYS A 415 -22.63 10.58 12.91
N ASN A 416 -21.54 10.48 12.15
CA ASN A 416 -20.24 10.86 12.67
C ASN A 416 -19.56 12.02 11.93
N ASP A 417 -20.24 12.56 10.94
CA ASP A 417 -19.73 13.66 10.13
C ASP A 417 -19.33 14.83 11.04
N GLY A 418 -18.12 15.34 10.85
CA GLY A 418 -17.64 16.47 11.62
C GLY A 418 -17.12 16.08 13.00
N ASN A 419 -17.11 14.78 13.28
CA ASN A 419 -16.63 14.28 14.57
C ASN A 419 -15.53 13.22 14.47
N THR A 420 -14.90 12.93 15.62
CA THR A 420 -13.97 11.82 15.73
C THR A 420 -14.77 10.53 15.82
N ALA A 421 -14.18 9.40 15.42
CA ALA A 421 -14.85 8.13 15.56
C ALA A 421 -13.88 6.97 15.87
N THR A 422 -14.45 5.81 16.13
CA THR A 422 -13.70 4.60 16.49
C THR A 422 -14.21 3.45 15.65
N CYS A 423 -13.47 2.34 15.59
CA CYS A 423 -13.88 1.18 14.82
C CYS A 423 -15.24 0.67 15.24
N GLU A 424 -15.55 0.82 16.53
CA GLU A 424 -16.84 0.45 17.06
C GLU A 424 -17.98 1.21 16.40
N ASP A 425 -17.81 2.51 16.19
CA ASP A 425 -18.81 3.34 15.52
C ASP A 425 -19.15 2.79 14.14
N PHE A 426 -18.15 2.31 13.43
CA PHE A 426 -18.41 1.76 12.10
C PHE A 426 -19.17 0.45 12.17
N ASN A 427 -18.72 -0.44 13.07
CA ASN A 427 -19.38 -1.72 13.23
C ASN A 427 -20.83 -1.52 13.64
N TYR A 428 -21.06 -0.56 14.54
CA TYR A 428 -22.41 -0.18 14.95
C TYR A 428 -23.30 0.14 13.74
N ALA A 429 -22.81 1.03 12.88
CA ALA A 429 -23.54 1.42 11.67
C ALA A 429 -23.82 0.21 10.77
N MET A 430 -22.82 -0.62 10.55
CA MET A 430 -23.00 -1.83 9.75
C MET A 430 -24.02 -2.75 10.40
N GLU A 431 -24.02 -2.78 11.74
CA GLU A 431 -24.90 -3.69 12.46
C GLU A 431 -26.37 -3.28 12.23
N GLN A 432 -26.62 -1.98 12.24
CA GLN A 432 -27.96 -1.46 11.98
C GLN A 432 -28.47 -1.96 10.64
N ALA A 433 -27.60 -1.90 9.63
CA ALA A 433 -27.92 -2.46 8.32
C ALA A 433 -28.15 -3.97 8.40
N TYR A 434 -27.34 -4.64 9.21
CA TYR A 434 -27.45 -6.07 9.33
C TYR A 434 -28.80 -6.45 9.94
N LYS A 435 -29.22 -5.70 10.96
CA LYS A 435 -30.54 -5.88 11.56
C LYS A 435 -31.65 -5.75 10.52
N MET A 436 -31.56 -4.69 9.71
CA MET A 436 -32.54 -4.44 8.68
C MET A 436 -32.57 -5.57 7.64
N LYS A 437 -31.40 -6.00 7.18
CA LYS A 437 -31.29 -7.05 6.17
C LYS A 437 -31.90 -8.39 6.64
N LYS A 438 -31.57 -8.81 7.85
CA LYS A 438 -32.06 -10.10 8.34
C LYS A 438 -33.43 -9.97 9.02
N ALA A 439 -33.96 -8.75 9.03
CA ALA A 439 -35.31 -8.47 9.53
C ALA A 439 -35.53 -8.92 10.97
N ASP A 440 -34.60 -8.58 11.85
CA ASP A 440 -34.84 -8.64 13.30
C ASP A 440 -33.77 -7.89 14.08
N ASN A 441 -34.22 -7.07 15.03
CA ASN A 441 -33.32 -6.29 15.86
C ASN A 441 -32.56 -7.16 16.87
N SER A 442 -32.78 -8.46 16.79
CA SER A 442 -32.04 -9.41 17.62
C SER A 442 -30.63 -9.63 17.04
N ALA A 443 -30.50 -9.46 15.73
CA ALA A 443 -29.23 -9.72 15.05
C ALA A 443 -28.18 -8.70 15.43
N ASN A 444 -26.94 -9.17 15.52
CA ASN A 444 -25.83 -8.28 15.84
C ASN A 444 -24.54 -8.72 15.17
N LEU A 445 -23.55 -7.84 15.20
CA LEU A 445 -22.24 -8.11 14.63
C LEU A 445 -21.17 -8.06 15.70
N ASN A 446 -21.54 -8.45 16.90
CA ASN A 446 -20.59 -8.45 18.01
C ASN A 446 -19.37 -9.33 17.75
N GLN A 447 -19.59 -10.50 17.18
CA GLN A 447 -18.48 -11.39 16.84
C GLN A 447 -17.58 -10.78 15.77
N TYR A 448 -18.17 -9.97 14.91
CA TYR A 448 -17.38 -9.37 13.81
C TYR A 448 -16.23 -8.54 14.35
N LEU A 449 -16.37 -8.01 15.55
CA LEU A 449 -15.35 -7.14 16.13
C LEU A 449 -14.02 -7.86 16.32
N LEU A 450 -14.05 -9.18 16.35
CA LEU A 450 -12.82 -9.95 16.51
C LEU A 450 -11.87 -9.72 15.32
N TRP A 451 -12.43 -9.33 14.18
CA TRP A 451 -11.61 -9.02 13.02
C TRP A 451 -10.67 -7.83 13.29
N PHE A 452 -11.07 -6.98 14.24
CA PHE A 452 -10.24 -5.82 14.58
C PHE A 452 -9.21 -6.16 15.63
N SER A 453 -9.50 -7.14 16.48
CA SER A 453 -8.65 -7.38 17.65
C SER A 453 -7.77 -8.62 17.52
N GLN A 454 -8.15 -9.56 16.68
CA GLN A 454 -7.42 -10.81 16.57
C GLN A 454 -6.39 -10.77 15.44
N SER A 455 -5.14 -11.07 15.78
CA SER A 455 -4.08 -11.10 14.78
C SER A 455 -3.99 -12.49 14.16
N GLY A 456 -3.24 -12.60 13.08
CA GLY A 456 -3.02 -13.89 12.44
C GLY A 456 -4.00 -14.16 11.30
N THR A 457 -3.62 -15.04 10.39
CA THR A 457 -4.45 -15.37 9.24
C THR A 457 -5.26 -16.64 9.53
N PRO A 458 -6.60 -16.56 9.48
CA PRO A 458 -7.36 -17.79 9.67
C PRO A 458 -7.13 -18.81 8.55
N HIS A 459 -7.15 -20.09 8.89
CA HIS A 459 -7.18 -21.17 7.92
C HIS A 459 -8.59 -21.73 7.81
N VAL A 460 -9.09 -21.86 6.59
CA VAL A 460 -10.42 -22.42 6.38
C VAL A 460 -10.34 -23.69 5.51
N SER A 461 -10.74 -24.83 6.06
CA SER A 461 -10.63 -26.09 5.34
C SER A 461 -12.00 -26.74 5.10
N PHE A 462 -12.04 -27.66 4.13
CA PHE A 462 -13.29 -28.19 3.63
C PHE A 462 -13.28 -29.71 3.50
N LYS A 463 -14.43 -30.31 3.75
CA LYS A 463 -14.70 -31.69 3.34
C LYS A 463 -16.07 -31.72 2.66
N TYR A 464 -16.26 -32.68 1.78
CA TYR A 464 -17.47 -32.74 0.97
C TYR A 464 -18.14 -34.09 1.06
N ASN A 465 -19.46 -34.09 0.91
CA ASN A 465 -20.20 -35.32 0.74
C ASN A 465 -21.32 -35.10 -0.26
N TYR A 466 -21.54 -36.09 -1.12
CA TYR A 466 -22.66 -36.05 -2.03
C TYR A 466 -23.40 -37.39 -2.05
N ASP A 467 -24.72 -37.33 -1.86
CA ASP A 467 -25.57 -38.50 -1.97
C ASP A 467 -26.36 -38.44 -3.27
N ALA A 468 -25.96 -39.25 -4.24
CA ALA A 468 -26.55 -39.23 -5.57
C ALA A 468 -28.05 -39.51 -5.56
N GLU A 469 -28.47 -40.42 -4.68
CA GLU A 469 -29.88 -40.81 -4.59
C GLU A 469 -30.70 -39.70 -3.97
N LYS A 470 -30.18 -39.09 -2.91
CA LYS A 470 -30.85 -38.02 -2.21
C LYS A 470 -30.75 -36.67 -2.92
N LYS A 471 -29.86 -36.58 -3.91
CA LYS A 471 -29.59 -35.31 -4.59
C LYS A 471 -29.17 -34.24 -3.55
N GLN A 472 -28.42 -34.69 -2.56
CA GLN A 472 -28.08 -33.86 -1.41
C GLN A 472 -26.58 -33.66 -1.30
N TYR A 473 -26.16 -32.41 -1.21
CA TYR A 473 -24.74 -32.06 -1.19
C TYR A 473 -24.40 -31.35 0.12
N SER A 474 -23.24 -31.69 0.69
CA SER A 474 -22.80 -31.10 1.95
C SER A 474 -21.40 -30.52 1.86
N ILE A 475 -21.22 -29.33 2.41
CA ILE A 475 -19.90 -28.74 2.52
C ILE A 475 -19.59 -28.59 4.00
N HIS A 476 -18.65 -29.39 4.50
CA HIS A 476 -18.21 -29.29 5.88
CA HIS A 476 -18.23 -29.25 5.89
C HIS A 476 -17.03 -28.33 5.98
N VAL A 477 -17.16 -27.31 6.82
CA VAL A 477 -16.18 -26.23 6.89
C VAL A 477 -15.60 -26.15 8.28
N ASN A 478 -14.29 -25.91 8.34
CA ASN A 478 -13.57 -25.78 9.58
C ASN A 478 -12.71 -24.50 9.53
N GLN A 479 -12.66 -23.76 10.63
CA GLN A 479 -11.72 -22.63 10.71
C GLN A 479 -10.79 -22.77 11.90
N TYR A 480 -9.57 -22.27 11.74
CA TYR A 480 -8.57 -22.26 12.81
CA TYR A 480 -8.65 -22.16 12.87
C TYR A 480 -7.59 -21.11 12.58
N THR A 481 -7.15 -20.46 13.65
CA THR A 481 -6.09 -19.47 13.57
C THR A 481 -4.99 -19.93 14.52
N LYS A 482 -3.74 -19.91 14.07
CA LYS A 482 -2.66 -20.37 14.95
C LYS A 482 -2.47 -19.38 16.09
N PRO A 483 -2.28 -19.90 17.31
CA PRO A 483 -1.93 -19.03 18.43
C PRO A 483 -0.66 -18.23 18.13
N ASP A 484 -0.57 -17.01 18.65
CA ASP A 484 0.65 -16.22 18.46
C ASP A 484 0.90 -15.38 19.72
N GLU A 485 1.70 -14.33 19.61
CA GLU A 485 2.05 -13.54 20.81
C GLU A 485 0.92 -12.63 21.27
N ASN A 486 -0.09 -12.46 20.42
CA ASN A 486 -1.21 -11.57 20.74
C ASN A 486 -2.42 -12.27 21.35
N GLN A 487 -2.71 -13.50 20.94
CA GLN A 487 -3.72 -14.31 21.61
C GLN A 487 -3.23 -15.75 21.75
N LYS A 488 -3.32 -16.28 22.97
CA LYS A 488 -2.96 -17.66 23.23
C LYS A 488 -4.07 -18.57 22.69
N GLU A 489 -5.31 -18.13 22.88
CA GLU A 489 -6.46 -18.84 22.34
C GLU A 489 -7.15 -17.97 21.30
N LYS A 490 -7.29 -18.49 20.09
CA LYS A 490 -7.92 -17.74 19.02
C LYS A 490 -9.40 -18.09 18.93
N LYS A 491 -10.27 -17.08 18.88
CA LYS A 491 -11.70 -17.36 18.81
C LYS A 491 -12.16 -17.48 17.36
N PRO A 492 -13.25 -18.23 17.14
CA PRO A 492 -13.79 -18.33 15.78
C PRO A 492 -14.31 -16.97 15.31
N LEU A 493 -14.01 -16.64 14.06
CA LEU A 493 -14.42 -15.38 13.47
C LEU A 493 -15.70 -15.54 12.65
N PHE A 494 -16.32 -14.41 12.33
CA PHE A 494 -17.43 -14.37 11.40
C PHE A 494 -16.85 -14.38 9.99
N ILE A 495 -16.90 -15.52 9.31
CA ILE A 495 -16.27 -15.64 8.00
C ILE A 495 -17.32 -15.81 6.90
N PRO A 496 -17.45 -14.81 6.00
CA PRO A 496 -18.43 -14.98 4.92
C PRO A 496 -17.82 -15.74 3.74
N ILE A 497 -18.48 -16.80 3.31
CA ILE A 497 -17.92 -17.62 2.26
C ILE A 497 -18.80 -17.60 1.03
N SER A 498 -18.43 -16.77 0.08
CA SER A 498 -19.15 -16.69 -1.19
CA SER A 498 -19.15 -16.69 -1.19
C SER A 498 -18.89 -17.94 -2.00
N VAL A 499 -19.96 -18.62 -2.41
CA VAL A 499 -19.81 -19.91 -3.07
C VAL A 499 -20.72 -20.10 -4.27
N GLY A 500 -20.26 -20.94 -5.18
CA GLY A 500 -21.07 -21.44 -6.28
C GLY A 500 -20.87 -22.95 -6.34
N LEU A 501 -21.78 -23.62 -7.02
CA LEU A 501 -21.61 -25.05 -7.28
C LEU A 501 -21.63 -25.22 -8.78
N ILE A 502 -20.51 -25.67 -9.33
CA ILE A 502 -20.38 -25.91 -10.76
C ILE A 502 -20.72 -27.36 -11.14
N ASN A 503 -21.62 -27.51 -12.12
CA ASN A 503 -21.85 -28.79 -12.77
C ASN A 503 -20.65 -29.15 -13.65
N PRO A 504 -19.91 -30.21 -13.27
CA PRO A 504 -18.71 -30.57 -14.03
C PRO A 504 -19.02 -31.02 -15.46
N GLU A 505 -20.27 -31.41 -15.74
CA GLU A 505 -20.63 -31.88 -17.07
C GLU A 505 -20.84 -30.79 -18.11
N ASN A 506 -21.35 -29.64 -17.69
CA ASN A 506 -21.63 -28.58 -18.66
C ASN A 506 -21.12 -27.21 -18.22
N GLY A 507 -20.49 -27.16 -17.05
CA GLY A 507 -19.90 -25.93 -16.55
C GLY A 507 -20.89 -24.93 -16.00
N LYS A 508 -22.16 -25.33 -15.91
CA LYS A 508 -23.20 -24.38 -15.47
C LYS A 508 -23.24 -24.19 -13.96
N GLU A 509 -23.77 -23.05 -13.54
CA GLU A 509 -24.06 -22.76 -12.14
C GLU A 509 -25.21 -23.62 -11.67
N MET A 510 -25.11 -24.19 -10.48
CA MET A 510 -26.17 -25.04 -10.01
C MET A 510 -27.00 -24.39 -8.91
N ILE A 511 -26.48 -23.36 -8.26
CA ILE A 511 -27.29 -22.60 -7.31
C ILE A 511 -27.16 -21.11 -7.54
N SER A 512 -28.10 -20.34 -7.00
CA SER A 512 -28.01 -18.90 -7.04
C SER A 512 -26.88 -18.41 -6.15
N GLN A 513 -26.58 -17.12 -6.25
CA GLN A 513 -25.58 -16.48 -5.41
C GLN A 513 -25.84 -16.78 -3.95
N THR A 514 -24.82 -17.29 -3.28
CA THR A 514 -24.95 -17.74 -1.90
C THR A 514 -23.71 -17.36 -1.12
N THR A 515 -23.89 -16.72 0.03
CA THR A 515 -22.80 -16.45 0.94
C THR A 515 -23.01 -17.20 2.23
N LEU A 516 -22.20 -18.24 2.45
CA LEU A 516 -22.23 -18.99 3.70
C LEU A 516 -21.69 -18.15 4.85
N GLU A 517 -22.42 -18.12 5.97
CA GLU A 517 -21.95 -17.36 7.13
C GLU A 517 -21.39 -18.32 8.17
N LEU A 518 -20.07 -18.51 8.15
CA LEU A 518 -19.42 -19.38 9.11
C LEU A 518 -19.16 -18.59 10.38
N THR A 519 -19.79 -18.99 11.48
CA THR A 519 -19.63 -18.24 12.73
C THR A 519 -19.11 -19.11 13.87
N LYS A 520 -18.96 -20.40 13.60
CA LYS A 520 -18.46 -21.31 14.62
C LYS A 520 -17.10 -21.85 14.19
N GLU A 521 -16.49 -22.65 15.06
CA GLU A 521 -15.26 -23.34 14.72
C GLU A 521 -15.49 -24.24 13.50
N SER A 522 -16.68 -24.82 13.39
CA SER A 522 -16.99 -25.62 12.22
C SER A 522 -18.49 -25.68 12.00
N ASP A 523 -18.87 -25.95 10.76
CA ASP A 523 -20.28 -26.07 10.41
C ASP A 523 -20.44 -26.95 9.18
N THR A 524 -21.62 -27.52 9.03
CA THR A 524 -21.92 -28.29 7.84
C THR A 524 -23.04 -27.59 7.08
N PHE A 525 -22.78 -27.25 5.83
CA PHE A 525 -23.78 -26.59 4.99
C PHE A 525 -24.35 -27.58 3.97
N VAL A 526 -25.66 -27.76 4.01
CA VAL A 526 -26.29 -28.78 3.18
C VAL A 526 -27.17 -28.14 2.09
N PHE A 527 -27.11 -28.72 0.90
CA PHE A 527 -27.89 -28.24 -0.23
C PHE A 527 -28.69 -29.39 -0.79
N ASN A 528 -29.98 -29.17 -1.00
CA ASN A 528 -30.86 -30.18 -1.57
C ASN A 528 -31.11 -29.95 -3.05
N ASN A 529 -31.73 -30.94 -3.69
CA ASN A 529 -32.04 -30.87 -5.10
C ASN A 529 -30.82 -30.44 -5.90
N ILE A 530 -29.69 -31.08 -5.58
CA ILE A 530 -28.46 -30.95 -6.33
C ILE A 530 -28.37 -32.17 -7.24
N ALA A 531 -28.58 -31.95 -8.53
CA ALA A 531 -28.91 -33.04 -9.45
C ALA A 531 -27.74 -33.98 -9.70
N VAL A 532 -26.54 -33.46 -9.62
CA VAL A 532 -25.35 -34.23 -9.93
C VAL A 532 -24.26 -33.74 -9.01
N LYS A 533 -23.18 -34.52 -8.84
CA LYS A 533 -22.10 -34.12 -7.93
C LYS A 533 -21.38 -32.89 -8.44
N PRO A 534 -21.39 -31.80 -7.65
CA PRO A 534 -20.77 -30.56 -8.12
C PRO A 534 -19.28 -30.44 -7.80
N ILE A 535 -18.66 -29.45 -8.43
CA ILE A 535 -17.37 -28.96 -8.00
C ILE A 535 -17.64 -27.62 -7.34
N PRO A 536 -17.30 -27.50 -6.05
CA PRO A 536 -17.57 -26.26 -5.33
C PRO A 536 -16.61 -25.13 -5.75
N SER A 537 -17.20 -23.95 -5.95
CA SER A 537 -16.46 -22.74 -6.24
C SER A 537 -16.43 -21.92 -4.94
N LEU A 538 -15.32 -21.97 -4.22
CA LEU A 538 -15.24 -21.42 -2.85
C LEU A 538 -14.51 -20.08 -2.68
N PHE A 539 -15.09 -19.22 -1.85
CA PHE A 539 -14.55 -17.88 -1.59
C PHE A 539 -14.48 -17.04 -2.87
N ARG A 540 -15.55 -17.07 -3.67
CA ARG A 540 -15.63 -16.22 -4.85
C ARG A 540 -15.29 -14.77 -4.51
N GLY A 541 -14.49 -14.14 -5.37
CA GLY A 541 -14.03 -12.78 -5.16
C GLY A 541 -13.02 -12.68 -4.03
N PHE A 542 -12.55 -13.83 -3.54
CA PHE A 542 -11.75 -13.92 -2.32
C PHE A 542 -12.47 -13.25 -1.14
N SER A 543 -13.52 -13.89 -0.65
CA SER A 543 -14.52 -13.22 0.19
C SER A 543 -14.10 -13.06 1.66
N ALA A 544 -12.98 -13.65 2.06
CA ALA A 544 -12.46 -13.46 3.42
C ALA A 544 -10.96 -13.60 3.37
N PRO A 545 -10.23 -12.85 4.23
CA PRO A 545 -8.77 -12.85 4.18
C PRO A 545 -8.20 -14.04 4.96
N VAL A 546 -8.22 -15.19 4.30
CA VAL A 546 -7.88 -16.46 4.92
C VAL A 546 -7.01 -17.32 4.02
N TYR A 547 -6.36 -18.32 4.63
CA TYR A 547 -5.76 -19.43 3.91
C TYR A 547 -6.87 -20.39 3.52
N ILE A 548 -7.08 -20.52 2.22
CA ILE A 548 -8.10 -21.44 1.73
C ILE A 548 -7.49 -22.80 1.51
N GLU A 549 -8.05 -23.80 2.17
CA GLU A 549 -7.62 -25.18 1.93
C GLU A 549 -8.78 -25.97 1.33
N ASP A 550 -8.85 -26.00 0.01
CA ASP A 550 -10.08 -26.41 -0.69
C ASP A 550 -10.20 -27.95 -0.76
N GLN A 551 -9.08 -28.63 -0.54
CA GLN A 551 -9.03 -30.08 -0.57
C GLN A 551 -9.60 -30.64 -1.88
N LEU A 552 -9.39 -29.92 -2.97
CA LEU A 552 -9.85 -30.42 -4.27
C LEU A 552 -8.72 -31.17 -4.97
N THR A 553 -9.08 -32.11 -5.82
CA THR A 553 -8.09 -32.79 -6.64
C THR A 553 -7.63 -31.83 -7.72
N ASP A 554 -6.51 -32.12 -8.37
CA ASP A 554 -6.07 -31.24 -9.43
C ASP A 554 -7.05 -31.30 -10.61
N GLU A 555 -7.66 -32.46 -10.80
CA GLU A 555 -8.70 -32.62 -11.82
C GLU A 555 -9.86 -31.63 -11.63
N GLU A 556 -10.36 -31.55 -10.40
CA GLU A 556 -11.41 -30.59 -10.06
C GLU A 556 -10.92 -29.16 -10.26
N ARG A 557 -9.69 -28.89 -9.86
CA ARG A 557 -9.17 -27.53 -9.95
C ARG A 557 -9.03 -27.13 -11.41
N ILE A 558 -8.59 -28.08 -12.24
CA ILE A 558 -8.47 -27.82 -13.68
C ILE A 558 -9.83 -27.48 -14.29
N LEU A 559 -10.86 -28.20 -13.87
CA LEU A 559 -12.20 -27.94 -14.36
C LEU A 559 -12.64 -26.53 -13.92
N LEU A 560 -12.36 -26.18 -12.68
CA LEU A 560 -12.71 -24.83 -12.21
C LEU A 560 -11.97 -23.80 -13.03
N LEU A 561 -10.66 -24.02 -13.19
CA LEU A 561 -9.81 -23.11 -13.94
C LEU A 561 -10.36 -22.88 -15.35
N LYS A 562 -10.88 -23.93 -15.98
CA LYS A 562 -11.41 -23.79 -17.34
C LYS A 562 -12.83 -23.22 -17.39
N TYR A 563 -13.68 -23.60 -16.43
CA TYR A 563 -15.12 -23.37 -16.60
C TYR A 563 -15.85 -22.56 -15.53
N ASP A 564 -15.21 -22.26 -14.41
CA ASP A 564 -15.86 -21.50 -13.35
C ASP A 564 -16.15 -20.06 -13.82
N SER A 565 -17.10 -19.40 -13.17
CA SER A 565 -17.49 -18.05 -13.54
C SER A 565 -16.74 -16.98 -12.76
N ASP A 566 -16.07 -17.38 -11.68
CA ASP A 566 -15.41 -16.39 -10.83
C ASP A 566 -13.90 -16.31 -11.07
N ALA A 567 -13.41 -15.13 -11.42
CA ALA A 567 -11.99 -14.95 -11.75
C ALA A 567 -11.09 -15.37 -10.60
N PHE A 568 -11.42 -14.97 -9.37
CA PHE A 568 -10.53 -15.33 -8.27
C PHE A 568 -10.48 -16.84 -8.09
N VAL A 569 -11.63 -17.53 -8.14
CA VAL A 569 -11.56 -18.97 -7.89
C VAL A 569 -10.78 -19.68 -9.02
N ARG A 570 -10.93 -19.20 -10.25
CA ARG A 570 -10.15 -19.78 -11.35
C ARG A 570 -8.66 -19.60 -11.05
N TYR A 571 -8.28 -18.36 -10.79
CA TYR A 571 -6.91 -17.96 -10.44
C TYR A 571 -6.38 -18.71 -9.22
N ASN A 572 -7.23 -18.91 -8.21
CA ASN A 572 -6.82 -19.64 -7.02
C ASN A 572 -6.65 -21.11 -7.32
N SER A 573 -7.49 -21.66 -8.21
CA SER A 573 -7.38 -23.08 -8.52
C SER A 573 -6.05 -23.36 -9.21
N CYS A 574 -5.68 -22.47 -10.13
CA CYS A 574 -4.36 -22.48 -10.76
C CYS A 574 -3.25 -22.34 -9.71
N THR A 575 -3.40 -21.35 -8.82
CA THR A 575 -2.44 -21.16 -7.73
C THR A 575 -2.26 -22.45 -6.92
N ASN A 576 -3.37 -23.10 -6.59
CA ASN A 576 -3.31 -24.33 -5.80
C ASN A 576 -2.66 -25.50 -6.52
N ILE A 577 -2.90 -25.62 -7.83
CA ILE A 577 -2.24 -26.64 -8.63
C ILE A 577 -0.73 -26.40 -8.62
N TYR A 578 -0.33 -25.15 -8.88
CA TYR A 578 1.07 -24.77 -8.81
C TYR A 578 1.69 -25.09 -7.45
N MET A 579 1.01 -24.72 -6.36
CA MET A 579 1.58 -24.95 -5.02
C MET A 579 1.82 -26.43 -4.70
N LYS A 580 0.88 -27.28 -5.07
CA LYS A 580 1.06 -28.71 -4.85
C LYS A 580 2.30 -29.19 -5.59
N GLN A 581 2.45 -28.73 -6.83
CA GLN A 581 3.62 -29.10 -7.64
C GLN A 581 4.90 -28.61 -6.98
N ILE A 582 4.90 -27.34 -6.59
CA ILE A 582 6.04 -26.71 -5.96
C ILE A 582 6.47 -27.44 -4.69
N LEU A 583 5.51 -27.72 -3.80
CA LEU A 583 5.85 -28.37 -2.56
C LEU A 583 6.44 -29.77 -2.84
N MET A 584 5.88 -30.48 -3.81
CA MET A 584 6.37 -31.82 -4.12
CA MET A 584 6.34 -31.81 -4.15
C MET A 584 7.79 -31.77 -4.69
N ASN A 585 8.01 -30.94 -5.72
CA ASN A 585 9.33 -30.82 -6.34
C ASN A 585 10.33 -30.25 -5.32
N TYR A 586 9.88 -29.30 -4.50
CA TYR A 586 10.76 -28.74 -3.48
C TYR A 586 11.31 -29.86 -2.58
N ASN A 587 10.44 -30.71 -2.06
CA ASN A 587 10.89 -31.80 -1.20
CA ASN A 587 10.89 -31.79 -1.19
C ASN A 587 11.79 -32.79 -1.92
N GLU A 588 11.50 -33.00 -3.20
CA GLU A 588 12.31 -33.94 -3.98
C GLU A 588 13.73 -33.40 -4.14
N PHE A 589 13.85 -32.13 -4.54
CA PHE A 589 15.14 -31.44 -4.60
C PHE A 589 15.85 -31.38 -3.23
N LEU A 590 15.09 -31.10 -2.18
CA LEU A 590 15.67 -31.00 -0.83
C LEU A 590 16.30 -32.31 -0.37
N LYS A 591 15.58 -33.41 -0.56
CA LYS A 591 16.09 -34.72 -0.19
C LYS A 591 17.35 -35.06 -0.97
N ALA A 592 17.34 -34.77 -2.28
CA ALA A 592 18.49 -35.07 -3.12
C ALA A 592 19.71 -34.30 -2.61
N LYS A 593 19.50 -33.05 -2.20
CA LYS A 593 20.56 -32.22 -1.62
C LYS A 593 21.04 -32.75 -0.27
N ASN A 594 20.10 -32.95 0.65
CA ASN A 594 20.42 -33.45 1.99
C ASN A 594 21.10 -34.81 1.97
N GLU A 595 20.60 -35.72 1.15
CA GLU A 595 21.15 -37.06 1.07
C GLU A 595 22.29 -37.16 0.05
N LYS A 596 22.62 -36.05 -0.59
CA LYS A 596 23.68 -36.00 -1.61
C LYS A 596 23.53 -37.13 -2.64
N LEU A 597 22.37 -37.19 -3.27
CA LEU A 597 22.07 -38.27 -4.20
C LEU A 597 22.77 -38.07 -5.54
N GLU A 598 23.25 -39.18 -6.13
CA GLU A 598 23.87 -39.15 -7.44
C GLU A 598 22.80 -39.13 -8.52
N SER A 599 21.62 -39.63 -8.19
CA SER A 599 20.48 -39.58 -9.10
C SER A 599 19.18 -39.64 -8.29
N PHE A 600 18.10 -39.18 -8.91
CA PHE A 600 16.80 -39.14 -8.26
C PHE A 600 15.73 -38.74 -9.27
N GLN A 601 14.47 -38.84 -8.88
CA GLN A 601 13.41 -38.46 -9.79
C GLN A 601 12.64 -37.24 -9.33
N LEU A 602 12.17 -36.46 -10.29
CA LEU A 602 11.25 -35.36 -10.03
C LEU A 602 9.87 -35.70 -10.59
N THR A 603 8.83 -35.36 -9.82
CA THR A 603 7.45 -35.49 -10.31
C THR A 603 7.17 -34.46 -11.41
N PRO A 604 6.84 -34.93 -12.62
CA PRO A 604 6.55 -33.94 -13.67
C PRO A 604 5.30 -33.09 -13.39
N VAL A 605 5.20 -31.96 -14.05
CA VAL A 605 4.00 -31.12 -13.99
C VAL A 605 2.86 -31.87 -14.63
N ASN A 606 1.67 -31.78 -14.02
CA ASN A 606 0.46 -32.41 -14.55
C ASN A 606 0.20 -31.98 -16.00
N ALA A 607 0.12 -32.98 -16.89
CA ALA A 607 -0.04 -32.72 -18.32
C ALA A 607 -1.41 -32.11 -18.66
N GLN A 608 -2.46 -32.55 -17.97
CA GLN A 608 -3.79 -31.97 -18.16
C GLN A 608 -3.83 -30.51 -17.71
N PHE A 609 -3.02 -30.18 -16.72
CA PHE A 609 -2.88 -28.80 -16.28
C PHE A 609 -2.22 -27.97 -17.38
N ILE A 610 -1.13 -28.47 -17.94
CA ILE A 610 -0.47 -27.78 -19.05
C ILE A 610 -1.45 -27.57 -20.22
N ASP A 611 -2.24 -28.61 -20.51
CA ASP A 611 -3.26 -28.53 -21.55
C ASP A 611 -4.32 -27.48 -21.26
N ALA A 612 -4.68 -27.31 -19.99
CA ALA A 612 -5.66 -26.30 -19.61
C ALA A 612 -5.08 -24.90 -19.82
N ILE A 613 -3.80 -24.73 -19.48
CA ILE A 613 -3.14 -23.45 -19.73
C ILE A 613 -3.16 -23.11 -21.23
N LYS A 614 -2.84 -24.09 -22.08
CA LYS A 614 -2.84 -23.89 -23.52
C LYS A 614 -4.23 -23.53 -24.03
N TYR A 615 -5.23 -24.26 -23.55
CA TYR A 615 -6.64 -24.00 -23.85
C TYR A 615 -7.02 -22.54 -23.57
N LEU A 616 -6.70 -22.04 -22.37
CA LEU A 616 -7.04 -20.68 -21.99
C LEU A 616 -6.24 -19.64 -22.79
N LEU A 617 -4.96 -19.92 -22.99
CA LEU A 617 -4.10 -19.00 -23.72
C LEU A 617 -4.60 -18.86 -25.15
N GLU A 618 -5.12 -19.93 -25.71
CA GLU A 618 -5.55 -19.89 -27.10
C GLU A 618 -6.98 -19.38 -27.28
N ASP A 619 -7.70 -19.19 -26.16
CA ASP A 619 -9.05 -18.66 -26.20
C ASP A 619 -9.06 -17.14 -26.50
N PRO A 620 -9.55 -16.76 -27.70
CA PRO A 620 -9.53 -15.36 -28.15
C PRO A 620 -10.38 -14.45 -27.28
N HIS A 621 -11.30 -15.02 -26.51
CA HIS A 621 -12.23 -14.22 -25.73
C HIS A 621 -11.81 -14.14 -24.27
N ALA A 622 -10.78 -14.91 -23.90
CA ALA A 622 -10.27 -14.87 -22.55
C ALA A 622 -9.44 -13.59 -22.32
N ASP A 623 -9.32 -13.21 -21.06
CA ASP A 623 -8.69 -11.95 -20.67
C ASP A 623 -7.17 -12.02 -20.62
N ALA A 624 -6.51 -11.10 -21.32
CA ALA A 624 -5.05 -11.04 -21.40
C ALA A 624 -4.38 -10.92 -20.04
N GLY A 625 -4.95 -10.10 -19.17
CA GLY A 625 -4.40 -9.97 -17.82
C GLY A 625 -4.48 -11.29 -17.06
N PHE A 626 -5.64 -11.93 -17.12
CA PHE A 626 -5.83 -13.23 -16.48
C PHE A 626 -4.79 -14.21 -17.03
N LYS A 627 -4.62 -14.22 -18.34
CA LYS A 627 -3.63 -15.08 -18.99
C LYS A 627 -2.23 -14.89 -18.40
N SER A 628 -1.83 -13.65 -18.13
CA SER A 628 -0.47 -13.43 -17.61
C SER A 628 -0.33 -14.05 -16.21
N TYR A 629 -1.40 -14.08 -15.44
CA TYR A 629 -1.35 -14.73 -14.12
C TYR A 629 -1.18 -16.25 -14.20
N ILE A 630 -1.86 -16.90 -15.14
CA ILE A 630 -1.82 -18.37 -15.16
C ILE A 630 -0.46 -18.92 -15.62
N VAL A 631 0.31 -18.12 -16.35
CA VAL A 631 1.64 -18.60 -16.81
C VAL A 631 2.76 -18.18 -15.85
N SER A 632 2.38 -17.54 -14.76
CA SER A 632 3.33 -17.12 -13.73
C SER A 632 3.13 -17.97 -12.48
N LEU A 633 4.23 -18.52 -11.94
CA LEU A 633 4.15 -19.25 -10.67
C LEU A 633 3.79 -18.27 -9.55
N PRO A 634 3.22 -18.77 -8.45
CA PRO A 634 2.91 -17.90 -7.29
C PRO A 634 4.15 -17.15 -6.80
N GLN A 635 3.97 -15.92 -6.31
CA GLN A 635 5.07 -15.12 -5.74
C GLN A 635 5.88 -15.93 -4.73
N ASP A 636 7.19 -15.68 -4.68
CA ASP A 636 8.05 -16.31 -3.69
C ASP A 636 7.52 -16.10 -2.26
N ARG A 637 7.10 -14.87 -1.96
CA ARG A 637 6.63 -14.56 -0.62
C ARG A 637 5.25 -15.19 -0.30
N TYR A 638 4.55 -15.67 -1.32
CA TYR A 638 3.35 -16.48 -1.07
C TYR A 638 3.77 -17.92 -0.77
N ILE A 639 4.69 -18.44 -1.59
CA ILE A 639 5.20 -19.80 -1.42
C ILE A 639 5.79 -20.04 -0.05
N ILE A 640 6.52 -19.05 0.49
CA ILE A 640 7.26 -19.24 1.73
CA ILE A 640 7.26 -19.22 1.73
C ILE A 640 6.32 -19.42 2.94
N ASN A 641 5.06 -18.99 2.81
CA ASN A 641 4.10 -19.25 3.88
C ASN A 641 3.83 -20.73 4.10
N PHE A 642 4.22 -21.55 3.13
CA PHE A 642 3.86 -22.97 3.15
C PHE A 642 5.05 -23.90 3.37
N VAL A 643 6.23 -23.33 3.59
CA VAL A 643 7.44 -24.15 3.74
C VAL A 643 8.22 -23.72 4.97
N SER A 644 8.53 -24.69 5.84
CA SER A 644 9.38 -24.46 7.02
C SER A 644 10.85 -24.53 6.61
N ASN A 645 11.66 -23.65 7.19
CA ASN A 645 13.11 -23.68 6.95
C ASN A 645 13.43 -23.64 5.46
N LEU A 646 12.74 -22.75 4.75
CA LEU A 646 12.86 -22.66 3.31
C LEU A 646 14.30 -22.44 2.87
N ASP A 647 14.82 -23.40 2.10
CA ASP A 647 16.10 -23.26 1.45
C ASP A 647 15.84 -22.53 0.14
N THR A 648 16.32 -21.30 0.02
CA THR A 648 15.98 -20.48 -1.13
C THR A 648 16.60 -21.01 -2.43
N ASP A 649 17.75 -21.67 -2.32
CA ASP A 649 18.37 -22.29 -3.50
C ASP A 649 17.53 -23.43 -4.03
N VAL A 650 17.02 -24.26 -3.13
CA VAL A 650 16.18 -25.37 -3.53
C VAL A 650 14.90 -24.83 -4.14
N LEU A 651 14.34 -23.77 -3.56
CA LEU A 651 13.14 -23.17 -4.16
C LEU A 651 13.45 -22.61 -5.56
N ALA A 652 14.60 -21.96 -5.71
CA ALA A 652 14.99 -21.46 -7.03
C ALA A 652 15.11 -22.61 -8.04
N ASP A 653 15.66 -23.75 -7.62
CA ASP A 653 15.74 -24.89 -8.52
C ASP A 653 14.36 -25.47 -8.84
N THR A 654 13.47 -25.44 -7.85
CA THR A 654 12.12 -25.95 -8.04
C THR A 654 11.37 -25.13 -9.07
N LYS A 655 11.42 -23.81 -8.92
CA LYS A 655 10.77 -22.89 -9.86
C LYS A 655 11.32 -23.11 -11.26
N GLU A 656 12.64 -23.16 -11.37
CA GLU A 656 13.31 -23.42 -12.65
C GLU A 656 12.80 -24.68 -13.34
N TYR A 657 12.72 -25.78 -12.59
CA TYR A 657 12.25 -27.05 -13.16
C TYR A 657 10.83 -26.92 -13.69
N ILE A 658 9.95 -26.31 -12.88
CA ILE A 658 8.54 -26.21 -13.23
C ILE A 658 8.31 -25.30 -14.44
N TYR A 659 9.01 -24.17 -14.48
CA TYR A 659 8.92 -23.29 -15.64
C TYR A 659 9.43 -23.98 -16.91
N LYS A 660 10.52 -24.74 -16.79
CA LYS A 660 11.11 -25.43 -17.94
C LYS A 660 10.16 -26.52 -18.46
N GLN A 661 9.57 -27.27 -17.52
CA GLN A 661 8.54 -28.27 -17.85
C GLN A 661 7.43 -27.67 -18.73
N ILE A 662 6.90 -26.53 -18.29
CA ILE A 662 5.78 -25.93 -18.99
C ILE A 662 6.24 -25.28 -20.30
N GLY A 663 7.37 -24.59 -20.27
CA GLY A 663 7.93 -24.03 -21.48
C GLY A 663 8.23 -25.07 -22.57
N ASP A 664 8.78 -26.22 -22.17
CA ASP A 664 9.08 -27.29 -23.12
C ASP A 664 7.83 -27.72 -23.92
N LYS A 665 6.66 -27.52 -23.33
CA LYS A 665 5.43 -27.85 -24.04
C LYS A 665 4.80 -26.64 -24.72
N LEU A 666 4.88 -25.46 -24.10
CA LEU A 666 4.10 -24.33 -24.57
C LEU A 666 4.88 -23.16 -25.22
N ASN A 667 6.19 -23.26 -25.32
CA ASN A 667 6.96 -22.12 -25.85
C ASN A 667 6.49 -21.67 -27.25
N ASP A 668 6.08 -22.62 -28.09
CA ASP A 668 5.63 -22.28 -29.44
C ASP A 668 4.29 -21.53 -29.38
N VAL A 669 3.42 -21.94 -28.46
CA VAL A 669 2.19 -21.20 -28.18
C VAL A 669 2.55 -19.79 -27.67
N TYR A 670 3.49 -19.71 -26.73
CA TYR A 670 3.93 -18.41 -26.20
C TYR A 670 4.41 -17.49 -27.30
N TYR A 671 5.24 -18.01 -28.20
CA TYR A 671 5.83 -17.20 -29.25
C TYR A 671 4.78 -16.70 -30.21
N LYS A 672 3.92 -17.62 -30.63
CA LYS A 672 2.80 -17.29 -31.51
C LYS A 672 1.96 -16.16 -30.94
N MET A 673 1.64 -16.26 -29.66
CA MET A 673 0.85 -15.23 -28.99
C MET A 673 1.61 -13.92 -28.88
N PHE A 674 2.89 -14.00 -28.51
CA PHE A 674 3.73 -12.81 -28.45
C PHE A 674 3.66 -12.05 -29.76
N LYS A 675 3.59 -12.78 -30.87
CA LYS A 675 3.56 -12.15 -32.19
C LYS A 675 2.16 -11.64 -32.53
N SER A 676 1.13 -12.40 -32.20
CA SER A 676 -0.23 -12.06 -32.63
C SER A 676 -0.82 -10.92 -31.79
N LEU A 677 -0.30 -10.74 -30.57
CA LEU A 677 -0.79 -9.70 -29.66
C LEU A 677 -0.22 -8.31 -29.95
N GLU A 678 0.85 -8.24 -30.74
CA GLU A 678 1.57 -7.00 -30.96
CA GLU A 678 1.58 -6.99 -30.97
C GLU A 678 0.69 -5.86 -31.47
N ALA A 679 -0.05 -6.10 -32.56
CA ALA A 679 -0.88 -5.06 -33.17
C ALA A 679 -1.76 -4.33 -32.15
N LYS A 680 -2.57 -5.05 -31.40
CA LYS A 680 -3.45 -4.38 -30.45
C LYS A 680 -2.72 -3.90 -29.20
N ALA A 681 -1.74 -4.67 -28.72
CA ALA A 681 -1.02 -4.29 -27.50
C ALA A 681 -0.23 -2.98 -27.67
N ASP A 682 0.40 -2.80 -28.82
CA ASP A 682 1.30 -1.64 -29.01
C ASP A 682 0.70 -0.55 -29.89
N ASP A 683 -0.61 -0.62 -30.11
CA ASP A 683 -1.34 0.37 -30.90
C ASP A 683 -1.04 1.81 -30.44
N LEU A 684 -0.53 2.63 -31.36
CA LEU A 684 -0.09 3.98 -31.04
C LEU A 684 -1.16 5.07 -31.26
N THR A 685 -2.38 4.67 -31.58
CA THR A 685 -3.43 5.62 -31.96
C THR A 685 -3.58 6.76 -30.94
N TYR A 686 -3.55 6.42 -29.66
CA TYR A 686 -3.78 7.40 -28.60
C TYR A 686 -2.53 7.73 -27.79
N PHE A 687 -1.36 7.48 -28.36
CA PHE A 687 -0.10 7.67 -27.64
C PHE A 687 0.11 9.13 -27.18
N ASN A 688 -0.43 10.08 -27.95
CA ASN A 688 -0.31 11.49 -27.57
C ASN A 688 -1.58 12.08 -26.95
N ASP A 689 -2.45 11.21 -26.48
CA ASP A 689 -3.64 11.63 -25.75
C ASP A 689 -3.58 11.11 -24.32
N GLU A 690 -3.21 11.98 -23.39
CA GLU A 690 -3.00 11.57 -22.01
C GLU A 690 -4.29 11.33 -21.24
N SER A 691 -5.43 11.58 -21.88
CA SER A 691 -6.71 11.36 -21.22
C SER A 691 -7.26 9.99 -21.57
N HIS A 692 -6.60 9.31 -22.50
CA HIS A 692 -7.08 8.04 -23.01
C HIS A 692 -6.25 6.90 -22.44
N VAL A 693 -6.82 6.18 -21.49
CA VAL A 693 -6.11 5.09 -20.85
C VAL A 693 -6.93 3.81 -21.02
N ASP A 694 -6.27 2.78 -21.55
CA ASP A 694 -6.95 1.55 -21.92
C ASP A 694 -6.34 0.43 -21.11
N PHE A 695 -7.05 0.04 -20.06
CA PHE A 695 -6.51 -0.96 -19.14
C PHE A 695 -6.41 -2.35 -19.76
N ASP A 696 -7.29 -2.68 -20.70
CA ASP A 696 -7.16 -3.95 -21.40
CA ASP A 696 -7.18 -3.93 -21.45
C ASP A 696 -5.92 -3.94 -22.31
N GLN A 697 -5.68 -2.84 -23.02
CA GLN A 697 -4.49 -2.76 -23.87
C GLN A 697 -3.21 -2.91 -23.03
N MET A 698 -3.19 -2.29 -21.86
CA MET A 698 -2.03 -2.41 -20.98
C MET A 698 -1.87 -3.85 -20.48
N ASN A 699 -2.98 -4.53 -20.25
CA ASN A 699 -2.91 -5.96 -19.85
C ASN A 699 -2.36 -6.83 -20.98
N MET A 700 -2.66 -6.45 -22.22
CA MET A 700 -2.06 -7.14 -23.36
C MET A 700 -0.56 -6.94 -23.39
N ARG A 701 -0.10 -5.73 -23.09
CA ARG A 701 1.35 -5.50 -23.02
C ARG A 701 1.95 -6.29 -21.88
N THR A 702 1.24 -6.38 -20.74
CA THR A 702 1.72 -7.19 -19.62
C THR A 702 1.92 -8.65 -20.06
N LEU A 703 0.93 -9.18 -20.75
CA LEU A 703 0.99 -10.55 -21.24
C LEU A 703 2.17 -10.76 -22.20
N ARG A 704 2.36 -9.82 -23.14
CA ARG A 704 3.48 -9.89 -24.07
C ARG A 704 4.82 -9.88 -23.37
N ASN A 705 4.95 -8.99 -22.39
CA ASN A 705 6.21 -8.85 -21.68
C ASN A 705 6.49 -10.04 -20.77
N THR A 706 5.42 -10.62 -20.22
CA THR A 706 5.53 -11.88 -19.47
C THR A 706 5.97 -13.05 -20.37
N LEU A 707 5.34 -13.18 -21.53
CA LEU A 707 5.71 -14.23 -22.49
C LEU A 707 7.13 -14.05 -23.02
N LEU A 708 7.50 -12.79 -23.29
CA LEU A 708 8.85 -12.50 -23.74
C LEU A 708 9.88 -12.90 -22.71
N SER A 709 9.56 -12.64 -21.45
CA SER A 709 10.42 -13.05 -20.35
C SER A 709 10.60 -14.58 -20.31
N LEU A 710 9.49 -15.31 -20.39
CA LEU A 710 9.52 -16.77 -20.40
C LEU A 710 10.34 -17.29 -21.59
N LEU A 711 10.14 -16.70 -22.76
CA LEU A 711 10.83 -17.14 -23.97
C LEU A 711 12.33 -16.79 -23.91
N SER A 712 12.67 -15.67 -23.29
CA SER A 712 14.07 -15.26 -23.21
C SER A 712 14.87 -16.16 -22.27
N LYS A 713 14.28 -16.46 -21.11
CA LYS A 713 14.89 -17.39 -20.17
C LYS A 713 15.10 -18.76 -20.84
N ALA A 714 14.14 -19.18 -21.64
CA ALA A 714 14.19 -20.48 -22.32
C ALA A 714 15.20 -20.49 -23.49
N GLN A 715 15.75 -19.34 -23.83
CA GLN A 715 16.63 -19.22 -24.99
C GLN A 715 15.91 -19.75 -26.23
N TYR A 716 14.63 -19.40 -26.36
CA TYR A 716 13.84 -19.75 -27.54
C TYR A 716 14.60 -19.31 -28.79
N PRO A 717 14.60 -20.15 -29.85
CA PRO A 717 15.39 -19.85 -31.06
C PRO A 717 15.16 -18.45 -31.63
N ASN A 718 16.26 -17.72 -31.76
CA ASN A 718 16.27 -16.36 -32.32
C ASN A 718 15.40 -15.34 -31.58
N ILE A 719 15.10 -15.59 -30.32
CA ILE A 719 14.26 -14.65 -29.57
C ILE A 719 14.96 -13.28 -29.42
N LEU A 720 16.29 -13.27 -29.49
CA LEU A 720 17.04 -12.01 -29.34
C LEU A 720 16.62 -10.99 -30.40
N ASN A 721 16.22 -11.47 -31.58
CA ASN A 721 15.67 -10.59 -32.60
C ASN A 721 14.46 -9.82 -32.07
N GLU A 722 13.55 -10.53 -31.42
CA GLU A 722 12.34 -9.91 -30.88
C GLU A 722 12.69 -8.89 -29.82
N ILE A 723 13.66 -9.25 -28.98
CA ILE A 723 14.13 -8.41 -27.89
C ILE A 723 14.65 -7.07 -28.40
N ILE A 724 15.45 -7.14 -29.46
CA ILE A 724 16.03 -5.95 -30.09
C ILE A 724 14.96 -5.04 -30.69
N GLU A 725 14.01 -5.64 -31.41
CA GLU A 725 12.89 -4.86 -31.95
C GLU A 725 12.05 -4.27 -30.82
N HIS A 726 11.84 -5.05 -29.77
CA HIS A 726 11.06 -4.60 -28.62
C HIS A 726 11.70 -3.35 -28.00
N SER A 727 13.03 -3.25 -28.06
CA SER A 727 13.74 -2.13 -27.45
C SER A 727 13.50 -0.83 -28.23
N LYS A 728 12.94 -0.96 -29.43
CA LYS A 728 12.67 0.21 -30.26
C LYS A 728 11.23 0.71 -30.08
N SER A 729 10.47 0.04 -29.23
CA SER A 729 9.09 0.43 -28.98
C SER A 729 9.01 1.79 -28.27
N PRO A 730 7.99 2.60 -28.61
CA PRO A 730 7.77 3.88 -27.93
C PRO A 730 7.33 3.74 -26.46
N TYR A 731 6.78 2.59 -26.08
CA TYR A 731 6.29 2.38 -24.71
C TYR A 731 7.38 1.96 -23.74
N PRO A 732 7.61 2.74 -22.67
CA PRO A 732 8.64 2.35 -21.70
C PRO A 732 8.43 0.96 -21.10
N SER A 733 7.19 0.51 -20.95
CA SER A 733 6.96 -0.85 -20.45
C SER A 733 7.65 -1.85 -21.34
N ASN A 734 7.59 -1.62 -22.65
CA ASN A 734 8.24 -2.49 -23.61
C ASN A 734 9.76 -2.33 -23.62
N TRP A 735 10.28 -1.12 -23.79
CA TRP A 735 11.73 -1.03 -23.95
C TRP A 735 12.49 -1.24 -22.63
N LEU A 736 11.84 -1.02 -21.49
CA LEU A 736 12.46 -1.41 -20.22
C LEU A 736 12.41 -2.93 -20.06
N THR A 737 11.32 -3.54 -20.54
CA THR A 737 11.26 -5.00 -20.55
C THR A 737 12.39 -5.56 -21.40
N SER A 738 12.67 -4.91 -22.53
CA SER A 738 13.71 -5.42 -23.42
C SER A 738 15.05 -5.48 -22.69
N LEU A 739 15.30 -4.50 -21.83
CA LEU A 739 16.49 -4.50 -20.98
C LEU A 739 16.56 -5.69 -20.01
N SER A 740 15.51 -5.90 -19.21
CA SER A 740 15.59 -7.00 -18.24
C SER A 740 15.63 -8.38 -18.90
N VAL A 741 14.90 -8.62 -19.99
CA VAL A 741 14.95 -9.95 -20.61
C VAL A 741 16.25 -10.16 -21.38
N SER A 742 16.94 -9.07 -21.75
CA SER A 742 18.21 -9.21 -22.46
C SER A 742 19.33 -9.65 -21.52
N ALA A 743 19.01 -9.74 -20.23
CA ALA A 743 19.96 -10.20 -19.23
C ALA A 743 20.56 -11.56 -19.60
N TYR A 744 19.79 -12.38 -20.32
CA TYR A 744 20.21 -13.72 -20.71
C TYR A 744 21.00 -13.73 -22.01
N PHE A 745 21.37 -12.55 -22.50
CA PHE A 745 22.16 -12.47 -23.73
C PHE A 745 23.36 -11.52 -23.62
N ASP A 746 24.24 -11.57 -24.61
CA ASP A 746 25.43 -10.76 -24.57
C ASP A 746 25.15 -9.28 -24.91
N LYS A 747 23.91 -8.96 -25.29
CA LYS A 747 23.56 -7.59 -25.61
C LYS A 747 23.00 -6.81 -24.43
N TYR A 748 23.10 -7.38 -23.23
CA TYR A 748 22.56 -6.73 -22.03
C TYR A 748 23.11 -5.33 -21.82
N PHE A 749 24.43 -5.19 -21.85
CA PHE A 749 25.03 -3.91 -21.54
C PHE A 749 24.85 -2.92 -22.71
N GLU A 750 24.60 -3.43 -23.92
CA GLU A 750 24.22 -2.57 -25.03
C GLU A 750 22.85 -1.93 -24.75
N LEU A 751 21.88 -2.74 -24.31
CA LEU A 751 20.56 -2.22 -24.01
C LEU A 751 20.55 -1.41 -22.71
N TYR A 752 21.47 -1.75 -21.82
CA TYR A 752 21.69 -0.99 -20.59
C TYR A 752 21.95 0.48 -20.90
N ASP A 753 22.97 0.71 -21.74
CA ASP A 753 23.33 2.07 -22.16
C ASP A 753 22.23 2.73 -22.97
N LYS A 754 21.64 1.98 -23.90
CA LYS A 754 20.57 2.50 -24.73
C LYS A 754 19.41 2.99 -23.88
N THR A 755 18.97 2.15 -22.94
CA THR A 755 17.80 2.50 -22.14
C THR A 755 18.11 3.57 -21.10
N TYR A 756 19.36 3.60 -20.63
CA TYR A 756 19.79 4.64 -19.72
C TYR A 756 19.68 6.00 -20.39
N LYS A 757 20.20 6.11 -21.61
CA LYS A 757 20.11 7.35 -22.35
C LYS A 757 18.66 7.81 -22.53
N LEU A 758 17.76 6.86 -22.78
CA LEU A 758 16.33 7.17 -22.89
C LEU A 758 15.74 7.65 -21.57
N SER A 759 16.28 7.17 -20.46
CA SER A 759 15.67 7.40 -19.15
C SER A 759 16.24 8.59 -18.37
N LYS A 760 17.48 8.96 -18.65
CA LYS A 760 18.26 9.79 -17.73
C LYS A 760 17.78 11.23 -17.51
N ASP A 761 16.94 11.75 -18.40
CA ASP A 761 16.53 13.16 -18.30
C ASP A 761 15.11 13.34 -17.75
N ASP A 762 14.46 12.23 -17.41
CA ASP A 762 13.21 12.29 -16.68
C ASP A 762 13.45 11.61 -15.34
N GLU A 763 13.30 12.39 -14.27
CA GLU A 763 13.58 11.93 -12.92
C GLU A 763 12.92 10.60 -12.57
N LEU A 764 11.64 10.47 -12.96
CA LEU A 764 10.87 9.30 -12.55
C LEU A 764 11.14 8.10 -13.44
N LEU A 765 11.37 8.36 -14.72
CA LEU A 765 11.72 7.30 -15.67
C LEU A 765 13.07 6.68 -15.31
N LEU A 766 14.01 7.52 -14.90
CA LEU A 766 15.31 7.06 -14.48
C LEU A 766 15.19 6.13 -13.27
N GLN A 767 14.25 6.44 -12.38
CA GLN A 767 14.00 5.58 -11.25
C GLN A 767 13.42 4.23 -11.69
N GLU A 768 12.56 4.24 -12.70
CA GLU A 768 12.05 2.99 -13.27
C GLU A 768 13.18 2.20 -13.92
N TRP A 769 14.10 2.91 -14.57
CA TRP A 769 15.27 2.28 -15.17
C TRP A 769 16.11 1.64 -14.07
N LEU A 770 16.36 2.38 -13.00
CA LEU A 770 17.08 1.83 -11.84
C LEU A 770 16.44 0.52 -11.36
N LYS A 771 15.11 0.54 -11.20
CA LYS A 771 14.39 -0.67 -10.80
C LYS A 771 14.64 -1.84 -11.75
N THR A 772 14.68 -1.54 -13.05
CA THR A 772 14.77 -2.57 -14.07
C THR A 772 16.15 -3.21 -14.00
N VAL A 773 17.17 -2.37 -13.83
CA VAL A 773 18.51 -2.85 -13.65
C VAL A 773 18.57 -3.67 -12.35
N SER A 774 18.05 -3.10 -11.26
CA SER A 774 18.05 -3.77 -9.96
C SER A 774 17.43 -5.19 -10.01
N ARG A 775 16.36 -5.37 -10.78
CA ARG A 775 15.71 -6.68 -10.84
C ARG A 775 16.22 -7.58 -11.95
N SER A 776 17.21 -7.13 -12.71
CA SER A 776 17.74 -7.91 -13.85
C SER A 776 18.33 -9.23 -13.39
N ASP A 777 17.96 -10.31 -14.06
CA ASP A 777 18.48 -11.63 -13.65
C ASP A 777 19.90 -11.83 -14.17
N ARG A 778 20.85 -11.23 -13.46
CA ARG A 778 22.25 -11.23 -13.85
C ARG A 778 23.11 -11.94 -12.81
N LYS A 779 24.09 -12.71 -13.27
CA LYS A 779 25.02 -13.35 -12.35
C LYS A 779 26.02 -12.32 -11.82
N ASP A 780 26.24 -11.24 -12.57
CA ASP A 780 27.13 -10.18 -12.11
C ASP A 780 26.36 -9.02 -11.46
N ILE A 781 25.22 -9.33 -10.85
CA ILE A 781 24.32 -8.30 -10.32
C ILE A 781 24.95 -7.47 -9.19
N TYR A 782 25.83 -8.08 -8.40
CA TYR A 782 26.51 -7.31 -7.35
C TYR A 782 27.45 -6.25 -7.92
N GLU A 783 28.13 -6.61 -9.01
CA GLU A 783 29.04 -5.70 -9.69
C GLU A 783 28.23 -4.57 -10.34
N ILE A 784 27.09 -4.95 -10.93
CA ILE A 784 26.15 -4.01 -11.52
C ILE A 784 25.62 -3.02 -10.48
N LEU A 785 25.29 -3.49 -9.27
CA LEU A 785 24.81 -2.59 -8.22
C LEU A 785 25.87 -1.57 -7.83
N LYS A 786 27.12 -2.00 -7.75
CA LYS A 786 28.21 -1.08 -7.43
C LYS A 786 28.35 0.00 -8.51
N LYS A 787 28.15 -0.38 -9.76
CA LYS A 787 28.17 0.58 -10.86
CA LYS A 787 28.16 0.59 -10.86
C LYS A 787 27.04 1.61 -10.70
N LEU A 788 25.84 1.14 -10.35
CA LEU A 788 24.70 2.02 -10.13
C LEU A 788 25.01 3.02 -9.03
N GLU A 789 25.63 2.54 -7.96
CA GLU A 789 25.98 3.37 -6.82
C GLU A 789 26.95 4.47 -7.24
N ASN A 790 27.96 4.11 -8.01
CA ASN A 790 29.03 5.05 -8.36
C ASN A 790 28.64 6.02 -9.46
N GLU A 791 27.81 5.58 -10.38
CA GLU A 791 27.52 6.36 -11.57
C GLU A 791 26.18 7.08 -11.55
N VAL A 792 25.21 6.56 -10.79
CA VAL A 792 23.86 7.11 -10.85
C VAL A 792 23.28 7.51 -9.50
N LEU A 793 23.23 6.57 -8.56
CA LEU A 793 22.68 6.84 -7.25
C LEU A 793 23.53 7.84 -6.46
N LYS A 794 24.81 7.53 -6.32
CA LYS A 794 25.74 8.30 -5.50
C LYS A 794 25.18 8.52 -4.10
N ASP A 795 25.26 9.78 -3.63
CA ASP A 795 24.83 10.03 -2.26
CA ASP A 795 24.88 10.20 -2.29
C ASP A 795 23.43 10.67 -2.20
N SER A 796 22.60 10.37 -3.19
CA SER A 796 21.22 10.83 -3.17
C SER A 796 20.51 10.44 -1.86
N LYS A 797 19.75 11.39 -1.31
CA LYS A 797 18.92 11.12 -0.13
C LYS A 797 17.46 11.00 -0.53
N ASN A 798 17.20 10.98 -1.82
CA ASN A 798 15.86 10.80 -2.37
C ASN A 798 15.39 9.36 -2.15
N PRO A 799 14.33 9.16 -1.34
CA PRO A 799 13.88 7.80 -1.05
C PRO A 799 13.52 7.04 -2.31
N ASN A 800 12.95 7.72 -3.30
CA ASN A 800 12.67 7.07 -4.58
C ASN A 800 13.91 6.47 -5.25
N ASP A 801 15.06 7.14 -5.13
CA ASP A 801 16.30 6.66 -5.75
C ASP A 801 16.82 5.43 -5.00
N ILE A 802 16.86 5.53 -3.68
CA ILE A 802 17.38 4.45 -2.85
C ILE A 802 16.51 3.20 -2.93
N ARG A 803 15.19 3.37 -2.81
CA ARG A 803 14.27 2.24 -2.96
C ARG A 803 14.35 1.61 -4.37
N ALA A 804 14.54 2.43 -5.40
CA ALA A 804 14.63 1.90 -6.78
C ALA A 804 15.86 1.02 -7.00
N VAL A 805 16.97 1.41 -6.39
CA VAL A 805 18.24 0.71 -6.62
C VAL A 805 18.29 -0.63 -5.88
N TYR A 806 17.70 -0.71 -4.70
CA TYR A 806 17.94 -1.86 -3.84
C TYR A 806 16.75 -2.82 -3.64
N LEU A 807 15.52 -2.31 -3.57
CA LEU A 807 14.39 -3.18 -3.24
C LEU A 807 14.11 -4.27 -4.31
N PRO A 808 14.11 -3.91 -5.61
CA PRO A 808 13.86 -4.99 -6.57
C PRO A 808 14.92 -6.10 -6.48
N PHE A 809 16.18 -5.72 -6.26
CA PHE A 809 17.25 -6.70 -6.08
C PHE A 809 16.99 -7.68 -4.93
N THR A 810 16.36 -7.20 -3.86
CA THR A 810 16.13 -8.05 -2.70
C THR A 810 15.14 -9.16 -3.03
N ASN A 811 14.47 -9.03 -4.17
CA ASN A 811 13.55 -10.07 -4.59
C ASN A 811 14.23 -11.08 -5.51
N ASN A 812 15.53 -10.91 -5.76
CA ASN A 812 16.29 -11.88 -6.53
C ASN A 812 16.56 -13.12 -5.66
N LEU A 813 15.75 -14.16 -5.81
CA LEU A 813 15.77 -15.31 -4.90
C LEU A 813 17.15 -15.95 -4.84
N ARG A 814 17.70 -16.22 -6.01
CA ARG A 814 19.02 -16.82 -6.16
C ARG A 814 20.15 -15.96 -5.60
N ARG A 815 20.14 -14.66 -5.88
CA ARG A 815 21.30 -13.82 -5.60
C ARG A 815 21.24 -13.04 -4.30
N PHE A 816 20.08 -12.47 -3.99
CA PHE A 816 19.97 -11.72 -2.74
C PHE A 816 20.29 -12.62 -1.57
N HIS A 817 19.85 -13.88 -1.68
CA HIS A 817 20.01 -14.87 -0.61
C HIS A 817 21.26 -15.70 -0.77
N ASP A 818 22.25 -15.15 -1.47
CA ASP A 818 23.55 -15.82 -1.61
C ASP A 818 24.03 -16.30 -0.25
N ILE A 819 24.46 -17.55 -0.22
CA ILE A 819 24.76 -18.25 1.03
C ILE A 819 25.93 -17.61 1.81
N SER A 820 26.74 -16.78 1.15
CA SER A 820 27.78 -16.02 1.85
C SER A 820 27.19 -14.95 2.78
N GLY A 821 25.93 -14.62 2.56
CA GLY A 821 25.29 -13.56 3.31
C GLY A 821 25.61 -12.16 2.80
N LYS A 822 26.26 -12.08 1.64
CA LYS A 822 26.73 -10.77 1.16
C LYS A 822 25.57 -9.85 0.74
N GLY A 823 24.45 -10.44 0.33
CA GLY A 823 23.27 -9.64 0.03
C GLY A 823 22.65 -9.06 1.30
N TYR A 824 22.60 -9.86 2.35
CA TYR A 824 22.18 -9.38 3.65
C TYR A 824 23.09 -8.27 4.14
N LYS A 825 24.39 -8.44 3.94
CA LYS A 825 25.37 -7.46 4.37
C LYS A 825 25.14 -6.14 3.64
N LEU A 826 24.86 -6.26 2.34
CA LEU A 826 24.71 -5.11 1.49
C LEU A 826 23.49 -4.30 1.89
N ILE A 827 22.33 -4.95 2.07
CA ILE A 827 21.12 -4.20 2.39
CA ILE A 827 21.13 -4.20 2.38
C ILE A 827 21.21 -3.59 3.79
N ALA A 828 21.86 -4.28 4.72
CA ALA A 828 22.02 -3.74 6.07
C ALA A 828 22.93 -2.50 6.08
N GLU A 829 23.96 -2.51 5.22
CA GLU A 829 24.78 -1.32 5.05
C GLU A 829 23.93 -0.16 4.54
N VAL A 830 23.01 -0.45 3.63
CA VAL A 830 22.14 0.59 3.09
C VAL A 830 21.14 1.10 4.13
N ILE A 831 20.61 0.19 4.96
CA ILE A 831 19.68 0.56 6.00
C ILE A 831 20.35 1.49 7.01
N THR A 832 21.53 1.10 7.48
CA THR A 832 22.27 1.88 8.46
C THR A 832 22.64 3.27 7.92
N LYS A 833 23.09 3.32 6.67
CA LYS A 833 23.43 4.58 6.02
C LYS A 833 22.21 5.50 5.93
N THR A 834 21.09 4.91 5.53
CA THR A 834 19.85 5.63 5.32
C THR A 834 19.25 6.09 6.65
N ASP A 835 19.41 5.27 7.68
CA ASP A 835 18.90 5.59 9.02
C ASP A 835 19.49 6.89 9.64
N LYS A 836 20.65 7.32 9.16
CA LYS A 836 21.25 8.57 9.62
C LYS A 836 20.41 9.79 9.26
N PHE A 837 19.71 9.75 8.13
CA PHE A 837 18.96 10.93 7.71
C PHE A 837 17.46 10.68 7.55
N ASN A 838 17.04 9.42 7.33
CA ASN A 838 15.62 9.11 7.18
C ASN A 838 15.23 7.77 7.83
N PRO A 839 14.96 7.78 9.14
CA PRO A 839 14.62 6.53 9.84
C PRO A 839 13.40 5.81 9.27
N MET A 840 12.39 6.57 8.83
CA MET A 840 11.19 5.92 8.27
C MET A 840 11.53 5.06 7.06
N VAL A 841 12.31 5.62 6.13
CA VAL A 841 12.63 4.88 4.91
C VAL A 841 13.64 3.77 5.20
N ALA A 842 14.53 3.98 6.18
CA ALA A 842 15.47 2.93 6.58
C ALA A 842 14.70 1.72 7.05
N THR A 843 13.63 1.97 7.79
CA THR A 843 12.80 0.87 8.28
C THR A 843 12.06 0.16 7.11
N GLN A 844 11.61 0.92 6.13
CA GLN A 844 11.08 0.35 4.90
C GLN A 844 12.10 -0.58 4.21
N LEU A 845 13.36 -0.21 4.26
CA LEU A 845 14.40 -0.99 3.58
C LEU A 845 14.71 -2.30 4.31
N CYS A 846 14.16 -2.44 5.53
CA CYS A 846 14.26 -3.69 6.30
C CYS A 846 13.36 -4.80 5.80
N GLU A 847 12.43 -4.47 4.89
CA GLU A 847 11.43 -5.43 4.44
C GLU A 847 11.96 -6.85 4.11
N PRO A 848 13.13 -6.98 3.43
CA PRO A 848 13.67 -8.32 3.14
C PRO A 848 13.81 -9.18 4.40
N PHE A 849 14.11 -8.58 5.53
CA PHE A 849 14.38 -9.33 6.75
C PHE A 849 13.11 -9.84 7.43
N LYS A 850 11.93 -9.45 6.95
CA LYS A 850 10.69 -9.78 7.66
C LYS A 850 10.47 -11.30 7.76
N LEU A 851 10.97 -12.03 6.78
CA LEU A 851 10.85 -13.49 6.74
C LEU A 851 12.01 -14.28 7.33
N TRP A 852 12.90 -13.61 8.07
CA TRP A 852 14.18 -14.23 8.42
C TRP A 852 14.06 -15.57 9.12
N ASN A 853 13.05 -15.72 9.99
CA ASN A 853 12.91 -16.95 10.76
C ASN A 853 12.15 -18.03 9.98
N LYS A 854 11.91 -17.79 8.70
CA LYS A 854 11.24 -18.77 7.84
C LYS A 854 12.22 -19.48 6.91
N LEU A 855 13.48 -19.09 6.93
CA LEU A 855 14.45 -19.65 5.99
C LEU A 855 15.21 -20.81 6.64
N ASP A 856 16.09 -21.43 5.85
CA ASP A 856 16.92 -22.53 6.35
C ASP A 856 17.81 -22.00 7.46
N THR A 857 18.26 -22.88 8.34
CA THR A 857 18.89 -22.43 9.56
C THR A 857 20.17 -21.62 9.32
N LYS A 858 20.86 -21.91 8.23
CA LYS A 858 22.06 -21.14 7.90
C LYS A 858 21.71 -19.68 7.57
N ARG A 859 20.69 -19.49 6.73
CA ARG A 859 20.33 -18.13 6.30
C ARG A 859 19.67 -17.35 7.45
N GLN A 860 18.94 -18.05 8.31
CA GLN A 860 18.39 -17.42 9.51
C GLN A 860 19.51 -16.78 10.30
N GLU A 861 20.54 -17.58 10.54
CA GLU A 861 21.71 -17.13 11.28
C GLU A 861 22.39 -15.92 10.60
N LEU A 862 22.54 -15.99 9.29
CA LEU A 862 23.15 -14.90 8.54
C LEU A 862 22.32 -13.61 8.65
N MET A 863 21.01 -13.72 8.48
CA MET A 863 20.15 -12.54 8.59
C MET A 863 20.16 -11.98 10.01
N LEU A 864 20.06 -12.87 10.98
CA LEU A 864 20.02 -12.46 12.38
C LEU A 864 21.30 -11.74 12.74
N ASN A 865 22.43 -12.20 12.20
CA ASN A 865 23.71 -11.54 12.46
CA ASN A 865 23.70 -11.54 12.47
C ASN A 865 23.70 -10.08 11.98
N GLU A 866 23.23 -9.86 10.76
CA GLU A 866 23.14 -8.51 10.22
C GLU A 866 22.18 -7.63 11.00
N MET A 867 21.06 -8.18 11.45
CA MET A 867 20.11 -7.38 12.24
C MET A 867 20.70 -7.00 13.58
N ASN A 868 21.40 -7.94 14.22
CA ASN A 868 22.06 -7.65 15.48
C ASN A 868 23.18 -6.64 15.31
N THR A 869 23.90 -6.72 14.19
CA THR A 869 24.87 -5.69 13.85
C THR A 869 24.20 -4.31 13.72
N MET A 870 23.08 -4.23 13.00
CA MET A 870 22.35 -2.96 12.88
C MET A 870 21.92 -2.41 14.24
N LEU A 871 21.35 -3.30 15.08
CA LEU A 871 20.90 -2.96 16.43
C LEU A 871 22.02 -2.42 17.30
N GLN A 872 23.26 -2.80 16.98
CA GLN A 872 24.37 -2.37 17.80
C GLN A 872 24.96 -1.01 17.38
N GLU A 873 24.49 -0.45 16.26
CA GLU A 873 24.92 0.90 15.85
C GLU A 873 24.59 1.93 16.93
N PRO A 874 25.61 2.66 17.41
CA PRO A 874 25.38 3.62 18.49
C PRO A 874 24.34 4.68 18.12
N GLN A 875 24.29 5.07 16.85
CA GLN A 875 23.39 6.15 16.44
C GLN A 875 22.05 5.67 15.86
N ILE A 876 21.67 4.43 16.15
CA ILE A 876 20.42 3.88 15.62
C ILE A 876 19.20 4.72 16.00
N SER A 877 18.31 4.96 15.04
CA SER A 877 17.12 5.73 15.32
C SER A 877 16.17 4.96 16.22
N ASN A 878 15.25 5.68 16.84
CA ASN A 878 14.14 5.05 17.53
C ASN A 878 13.36 4.10 16.63
N ASN A 879 13.03 4.57 15.43
CA ASN A 879 12.29 3.81 14.44
C ASN A 879 12.89 2.44 14.18
N LEU A 880 14.17 2.45 13.84
CA LEU A 880 14.83 1.26 13.37
C LEU A 880 15.04 0.30 14.55
N LYS A 881 15.49 0.85 15.68
CA LYS A 881 15.73 0.03 16.87
C LYS A 881 14.47 -0.74 17.26
N GLU A 882 13.37 -0.02 17.40
CA GLU A 882 12.11 -0.61 17.82
C GLU A 882 11.65 -1.69 16.84
N TYR A 883 11.78 -1.39 15.56
CA TYR A 883 11.39 -2.31 14.52
C TYR A 883 12.18 -3.62 14.58
N LEU A 884 13.50 -3.49 14.62
CA LEU A 884 14.38 -4.66 14.67
C LEU A 884 14.28 -5.42 16.00
N LEU A 885 13.99 -4.71 17.08
CA LEU A 885 13.76 -5.38 18.35
C LEU A 885 12.52 -6.29 18.27
N ARG A 886 11.42 -5.76 17.73
CA ARG A 886 10.21 -6.57 17.54
C ARG A 886 10.45 -7.71 16.55
N LEU A 887 11.15 -7.43 15.46
CA LEU A 887 11.38 -8.46 14.42
C LEU A 887 12.24 -9.62 14.92
N THR A 888 13.16 -9.35 15.84
CA THR A 888 14.03 -10.41 16.38
C THR A 888 13.58 -10.86 17.76
N ASN A 889 12.29 -10.67 18.06
CA ASN A 889 11.71 -11.03 19.38
C ASN A 889 12.58 -10.68 20.57
N LYS A 890 12.81 -9.38 20.80
CA LYS A 890 13.56 -8.95 21.96
C LYS A 890 12.71 -8.00 22.80
ZN ZN B . -4.78 6.87 3.45
CAA 4SZ C . -0.42 3.90 -1.25
CBB 4SZ C . -1.55 4.50 -0.39
CAB 4SZ C . -2.44 3.38 0.17
CAC 4SZ C . -2.42 5.44 -1.24
OAR 4SZ C . -0.99 5.16 0.77
CAS 4SZ C . -0.23 6.29 0.68
OAD 4SZ C . 0.23 6.70 -0.40
N 4SZ C . 0.05 6.99 1.80
CA 4SZ C . -0.46 6.60 3.12
C 4SZ C . -1.93 7.02 3.22
O 4SZ C . -2.71 6.39 3.91
NAP 4SZ C . -2.25 8.08 2.45
OAF 4SZ C . -3.59 8.60 2.47
CAY 4SZ C . 0.34 7.21 4.08
CAM 4SZ C . 1.15 6.37 4.83
CAK 4SZ C . 2.01 6.88 5.78
CAL 4SZ C . 0.40 8.59 4.25
CAJ 4SZ C . 1.27 9.12 5.22
CAW 4SZ C . 2.06 8.26 6.00
CAX 4SZ C . 2.99 8.71 6.93
CAN 4SZ C . 4.00 9.55 6.42
CAU 4SZ C . 5.00 10.03 7.26
FAG 4SZ C . 6.02 10.86 6.79
CAZ 4SZ C . 5.00 9.65 8.59
FAI 4SZ C . 5.96 10.13 9.43
CAV 4SZ C . 4.02 8.82 9.09
FAH 4SZ C . 4.07 8.50 10.35
CAO 4SZ C . 3.01 8.33 8.27
MG MG D . 16.87 13.78 -8.06
MG MG E . -21.72 12.30 -12.84
MG MG F . -14.86 -14.16 -31.39
C1 GOL G . 0.60 0.67 3.60
O1 GOL G . 1.05 -0.66 3.54
C2 GOL G . 1.53 1.53 2.77
O2 GOL G . 1.43 2.87 3.22
C3 GOL G . 1.31 1.46 1.27
O3 GOL G . 0.24 0.59 0.92
C1 GOL H . 0.90 -20.42 6.88
O1 GOL H . 1.12 -19.95 8.19
C2 GOL H . 0.45 -21.87 6.93
O2 GOL H . 1.44 -22.64 7.57
C3 GOL H . 0.15 -22.46 5.57
O3 GOL H . -1.08 -23.13 5.63
C1 GOL I . 13.70 11.48 12.10
O1 GOL I . 14.45 11.55 13.29
C2 GOL I . 12.31 10.96 12.38
O2 GOL I . 12.36 9.62 12.87
C3 GOL I . 11.53 10.85 11.10
O3 GOL I . 10.69 11.96 10.98
S DMS J . 2.25 15.10 25.68
O DMS J . 2.68 14.21 24.64
C1 DMS J . 2.54 14.66 27.37
C2 DMS J . 1.07 16.36 25.29
#